data_2NQV
#
_entry.id   2NQV
#
_cell.length_a   67.671
_cell.length_b   98.127
_cell.length_c   160.882
_cell.angle_alpha   90.00
_cell.angle_beta   90.00
_cell.angle_gamma   90.00
#
_symmetry.space_group_name_H-M   'P 21 21 21'
#
loop_
_entity.id
_entity.type
_entity.pdbx_description
1 polymer 'Molybdopterin biosynthesis protein moeA'
2 non-polymer GLYCEROL
3 water water
#
_entity_poly.entity_id   1
_entity_poly.type   'polypeptide(L)'
_entity_poly.pdbx_seq_one_letter_code
;MEFTTGLMSLDTALNEMLSRVTPLTAQETLPLVQCFGRILASDVVSPLDVPGFDNSAMDGYAVRLADIASGQPLPVAGKS
FAGQPYHGEWPAGTCIRIMTGAPVPEGCEAVVMQEQTEQMDNGVRFTAEVRSGQNIRRRGEDISAGAVVFPAGTRLTTAE
LPVIASLGIAEVPVIRKVRVALFSTGDELQLPGQPLGDGQIYDTNRLAVHLMLEQLGCEVINLGIIRADPHALRAAFIEA
DSQADVVISSGGVSVGEADYTKTILEELGEIAFWKLAIKPGKPFAFGKLSNSWFCGLPGNPVSATLTFYQLVQPLLAKLS
GNTASGLPARQRVRTASRLKKTPGRLDFQRGVLQRNADGELEVTTTGHQGSHIFSSFSLGNCFIVLERDRGNVEVGEWVE
VEPFNALFGGL
;
_entity_poly.pdbx_strand_id   A,B
#
loop_
_chem_comp.id
_chem_comp.type
_chem_comp.name
_chem_comp.formula
GOL non-polymer GLYCEROL 'C3 H8 O3'
#
# COMPACT_ATOMS: atom_id res chain seq x y z
N LEU A 7 23.23 -18.25 12.09
CA LEU A 7 23.17 -19.66 11.58
C LEU A 7 21.79 -20.05 11.07
N MET A 8 20.73 -19.60 11.75
CA MET A 8 19.34 -19.89 11.33
C MET A 8 18.85 -19.05 10.13
N SER A 9 18.10 -19.68 9.23
CA SER A 9 17.70 -19.04 7.98
C SER A 9 16.34 -18.33 8.08
N LEU A 10 16.25 -17.14 7.50
CA LEU A 10 14.98 -16.39 7.48
C LEU A 10 13.78 -17.28 7.22
N ASP A 11 13.95 -18.17 6.25
CA ASP A 11 12.92 -19.12 5.86
C ASP A 11 12.56 -20.04 7.02
N THR A 12 13.55 -20.72 7.59
CA THR A 12 13.35 -21.65 8.71
C THR A 12 12.59 -20.99 9.85
N ALA A 13 12.91 -19.72 10.11
CA ALA A 13 12.33 -18.94 11.22
C ALA A 13 10.91 -18.47 10.91
N LEU A 14 10.74 -17.98 9.68
CA LEU A 14 9.44 -17.60 9.18
C LEU A 14 8.48 -18.78 9.33
N ASN A 15 8.88 -19.95 8.82
CA ASN A 15 8.04 -21.14 8.95
C ASN A 15 7.85 -21.59 10.39
N GLU A 16 8.90 -21.42 11.19
CA GLU A 16 8.85 -21.81 12.58
C GLU A 16 7.81 -20.95 13.29
N MET A 17 7.70 -19.69 12.91
CA MET A 17 6.80 -18.77 13.59
C MET A 17 5.37 -19.08 13.20
N LEU A 18 5.09 -18.98 11.90
CA LEU A 18 3.75 -19.17 11.33
C LEU A 18 3.14 -20.55 11.55
N SER A 19 3.96 -21.58 11.69
CA SER A 19 3.46 -22.95 11.94
C SER A 19 2.61 -23.06 13.20
N ARG A 20 2.96 -22.30 14.25
CA ARG A 20 2.30 -22.39 15.56
C ARG A 20 1.18 -21.37 15.75
N VAL A 21 1.01 -20.46 14.79
CA VAL A 21 0.04 -19.39 14.93
C VAL A 21 -1.30 -19.94 14.51
N THR A 22 -2.30 -19.77 15.35
CA THR A 22 -3.68 -20.14 15.02
C THR A 22 -4.46 -18.85 14.80
N PRO A 23 -4.95 -18.61 13.57
CA PRO A 23 -5.67 -17.37 13.26
C PRO A 23 -6.79 -17.09 14.18
N LEU A 24 -6.94 -15.82 14.52
CA LEU A 24 -8.07 -15.27 15.25
C LEU A 24 -9.35 -15.67 14.55
N THR A 25 -10.43 -15.68 15.34
CA THR A 25 -11.78 -16.08 14.88
C THR A 25 -12.91 -15.32 15.62
N ALA A 26 -12.60 -14.55 16.67
CA ALA A 26 -13.60 -13.59 17.14
C ALA A 26 -14.00 -12.69 15.96
N GLN A 27 -15.29 -12.30 15.92
CA GLN A 27 -15.83 -11.53 14.79
C GLN A 27 -16.90 -10.50 15.18
N GLU A 28 -16.93 -9.43 14.43
CA GLU A 28 -17.90 -8.38 14.60
C GLU A 28 -18.43 -8.04 13.21
N THR A 29 -19.52 -7.31 13.12
CA THR A 29 -20.16 -7.13 11.83
C THR A 29 -20.40 -5.68 11.67
N LEU A 30 -19.73 -5.10 10.68
CA LEU A 30 -19.78 -3.69 10.48
C LEU A 30 -20.10 -3.34 9.02
N PRO A 31 -20.68 -2.16 8.85
CA PRO A 31 -21.07 -1.65 7.54
C PRO A 31 -19.89 -1.54 6.60
N LEU A 32 -20.08 -1.65 5.30
CA LEU A 32 -18.96 -1.88 4.37
C LEU A 32 -17.88 -0.78 4.41
N VAL A 33 -18.35 0.44 4.55
CA VAL A 33 -17.50 1.56 4.61
C VAL A 33 -16.43 1.52 5.73
N GLN A 34 -16.72 0.79 6.80
CA GLN A 34 -15.73 0.47 7.85
C GLN A 34 -14.88 -0.79 7.57
N CYS A 35 -15.13 -1.46 6.47
CA CYS A 35 -14.52 -2.75 6.30
C CYS A 35 -13.23 -2.79 5.52
N PHE A 36 -12.62 -1.63 5.28
CA PHE A 36 -11.44 -1.66 4.45
C PHE A 36 -10.25 -2.39 5.08
N GLY A 37 -9.79 -3.44 4.41
CA GLY A 37 -8.57 -4.09 4.79
C GLY A 37 -8.91 -5.06 5.89
N ARG A 38 -10.19 -5.19 6.15
CA ARG A 38 -10.59 -6.11 7.17
C ARG A 38 -10.82 -7.44 6.57
N ILE A 39 -10.47 -8.48 7.30
CA ILE A 39 -10.62 -9.83 6.81
C ILE A 39 -12.04 -10.21 6.97
N LEU A 40 -12.54 -11.01 6.05
CA LEU A 40 -13.95 -11.41 6.08
C LEU A 40 -14.07 -12.57 7.06
N ALA A 41 -15.16 -12.58 7.83
CA ALA A 41 -15.40 -13.66 8.78
C ALA A 41 -15.92 -14.94 8.11
N SER A 42 -16.89 -14.77 7.20
CA SER A 42 -17.57 -15.91 6.57
C SER A 42 -17.93 -15.65 5.11
N ASP A 43 -18.03 -16.69 4.29
CA ASP A 43 -18.33 -16.52 2.86
C ASP A 43 -19.47 -15.48 2.67
N VAL A 44 -19.38 -14.64 1.65
CA VAL A 44 -20.49 -13.72 1.25
C VAL A 44 -21.32 -14.42 0.19
N VAL A 45 -22.62 -14.48 0.41
CA VAL A 45 -23.52 -15.31 -0.39
C VAL A 45 -24.50 -14.44 -1.16
N SER A 46 -24.52 -14.57 -2.47
CA SER A 46 -25.18 -13.56 -3.29
C SER A 46 -26.68 -13.71 -3.13
N PRO A 47 -27.34 -12.66 -2.69
CA PRO A 47 -28.80 -12.70 -2.56
C PRO A 47 -29.51 -12.57 -3.91
N LEU A 48 -28.82 -12.14 -4.96
CA LEU A 48 -29.50 -11.95 -6.27
C LEU A 48 -28.63 -12.26 -7.46
N ASP A 49 -29.29 -12.64 -8.54
CA ASP A 49 -28.61 -12.99 -9.78
C ASP A 49 -28.15 -11.70 -10.44
N VAL A 50 -26.96 -11.75 -10.96
CA VAL A 50 -26.34 -10.57 -11.48
C VAL A 50 -25.54 -11.03 -12.68
N PRO A 51 -26.03 -10.79 -13.89
CA PRO A 51 -27.28 -10.08 -14.21
C PRO A 51 -28.57 -10.72 -13.81
N GLY A 52 -29.60 -9.89 -13.64
CA GLY A 52 -30.90 -10.35 -13.15
C GLY A 52 -31.77 -11.05 -14.19
N PHE A 53 -31.37 -11.01 -15.47
CA PHE A 53 -32.18 -11.48 -16.59
C PHE A 53 -31.30 -11.46 -17.84
N ASP A 54 -31.57 -12.33 -18.80
CA ASP A 54 -30.75 -12.39 -20.00
C ASP A 54 -30.80 -11.08 -20.79
N ASN A 55 -29.66 -10.65 -21.33
CA ASN A 55 -29.49 -9.28 -21.81
C ASN A 55 -28.42 -9.17 -22.92
N SER A 56 -28.49 -8.09 -23.71
CA SER A 56 -27.76 -8.00 -24.96
C SER A 56 -26.27 -7.77 -24.81
N ALA A 57 -25.46 -8.57 -25.50
CA ALA A 57 -24.00 -8.44 -25.39
C ALA A 57 -23.53 -7.13 -25.99
N MET A 58 -23.81 -6.92 -27.28
CA MET A 58 -23.50 -5.66 -27.98
C MET A 58 -24.79 -4.93 -28.32
N ASP A 59 -24.65 -3.70 -28.80
CA ASP A 59 -25.76 -3.05 -29.49
C ASP A 59 -25.74 -3.46 -30.97
N GLY A 60 -26.92 -3.69 -31.50
CA GLY A 60 -27.07 -4.34 -32.78
C GLY A 60 -28.52 -4.73 -32.98
N TYR A 61 -28.74 -6.01 -33.22
CA TYR A 61 -30.06 -6.50 -33.59
C TYR A 61 -30.31 -7.92 -33.01
N ALA A 62 -31.43 -8.07 -32.31
CA ALA A 62 -31.85 -9.36 -31.78
C ALA A 62 -32.65 -10.12 -32.82
N VAL A 63 -32.33 -11.41 -33.02
CA VAL A 63 -32.88 -12.17 -34.14
C VAL A 63 -33.34 -13.59 -33.76
N ARG A 64 -34.35 -14.11 -34.46
CA ARG A 64 -34.66 -15.54 -34.40
C ARG A 64 -33.81 -16.19 -35.45
N LEU A 65 -33.27 -17.35 -35.12
CA LEU A 65 -32.43 -18.09 -36.05
C LEU A 65 -33.21 -18.58 -37.26
N ALA A 66 -34.55 -18.67 -37.12
CA ALA A 66 -35.42 -18.99 -38.25
C ALA A 66 -35.12 -18.05 -39.43
N ASP A 67 -35.31 -16.74 -39.22
CA ASP A 67 -35.07 -15.75 -40.27
C ASP A 67 -33.61 -15.30 -40.28
N ILE A 68 -32.77 -16.03 -41.04
CA ILE A 68 -31.34 -15.71 -41.22
C ILE A 68 -30.86 -16.14 -42.61
N ALA A 69 -30.87 -17.45 -42.86
CA ALA A 69 -30.64 -18.03 -44.20
C ALA A 69 -31.97 -18.03 -44.99
N SER A 70 -33.06 -17.79 -44.27
CA SER A 70 -34.29 -17.28 -44.85
C SER A 70 -33.91 -16.30 -45.96
N GLY A 71 -32.79 -15.61 -45.76
CA GLY A 71 -32.06 -14.95 -46.84
C GLY A 71 -32.61 -13.59 -47.23
N GLN A 72 -33.92 -13.38 -47.03
CA GLN A 72 -34.50 -12.07 -47.19
C GLN A 72 -34.01 -11.25 -46.02
N PRO A 73 -33.77 -9.96 -46.24
CA PRO A 73 -33.36 -9.07 -45.15
C PRO A 73 -34.52 -8.84 -44.18
N LEU A 74 -34.18 -8.48 -42.95
CA LEU A 74 -35.16 -8.32 -41.89
C LEU A 74 -35.21 -6.84 -41.44
N PRO A 75 -36.42 -6.26 -41.36
CA PRO A 75 -36.57 -4.84 -40.98
C PRO A 75 -36.78 -4.64 -39.48
N VAL A 76 -36.16 -3.64 -38.86
CA VAL A 76 -36.36 -3.40 -37.40
C VAL A 76 -37.82 -3.08 -37.05
N ALA A 77 -38.54 -4.08 -36.53
CA ALA A 77 -39.92 -3.89 -36.08
C ALA A 77 -39.97 -3.09 -34.78
N GLY A 78 -39.06 -3.40 -33.84
CA GLY A 78 -39.07 -2.81 -32.51
C GLY A 78 -37.73 -2.80 -31.76
N LYS A 79 -37.79 -2.55 -30.45
CA LYS A 79 -36.57 -2.22 -29.70
C LYS A 79 -36.65 -2.29 -28.16
N SER A 80 -35.53 -2.65 -27.54
CA SER A 80 -35.38 -2.73 -26.07
C SER A 80 -34.03 -2.12 -25.66
N PHE A 81 -34.04 -1.21 -24.68
CA PHE A 81 -32.81 -0.54 -24.19
C PHE A 81 -32.55 -0.84 -22.70
N ALA A 82 -32.23 0.17 -21.90
CA ALA A 82 -31.84 -0.01 -20.49
C ALA A 82 -32.98 -0.55 -19.60
N GLY A 83 -33.31 0.16 -18.52
CA GLY A 83 -34.44 -0.21 -17.68
C GLY A 83 -35.81 -0.02 -18.33
N GLN A 84 -35.82 0.30 -19.63
CA GLN A 84 -36.99 0.16 -20.49
C GLN A 84 -36.89 -1.19 -21.24
N PRO A 85 -37.90 -2.05 -21.14
CA PRO A 85 -37.86 -3.36 -21.80
C PRO A 85 -38.44 -3.30 -23.22
N TYR A 86 -38.81 -4.45 -23.78
CA TYR A 86 -39.66 -4.51 -24.98
C TYR A 86 -40.81 -5.52 -24.81
N HIS A 87 -42.01 -5.15 -25.28
CA HIS A 87 -43.16 -6.05 -25.33
C HIS A 87 -44.04 -5.83 -26.57
N GLY A 88 -45.08 -6.66 -26.70
CA GLY A 88 -45.97 -6.63 -27.85
C GLY A 88 -45.55 -7.66 -28.88
N GLU A 89 -45.67 -8.95 -28.51
CA GLU A 89 -45.47 -10.11 -29.38
C GLU A 89 -44.67 -9.88 -30.69
N TRP A 90 -43.56 -10.60 -30.83
CA TRP A 90 -42.56 -10.31 -31.86
C TRP A 90 -43.05 -10.69 -33.29
N PRO A 91 -43.21 -9.72 -34.19
CA PRO A 91 -43.67 -10.01 -35.54
C PRO A 91 -42.72 -10.97 -36.24
N ALA A 92 -43.21 -12.15 -36.64
CA ALA A 92 -42.35 -13.10 -37.33
C ALA A 92 -41.76 -12.40 -38.56
N GLY A 93 -40.53 -12.77 -38.90
CA GLY A 93 -39.85 -12.22 -40.06
C GLY A 93 -38.92 -11.03 -39.83
N THR A 94 -39.09 -10.32 -38.70
CA THR A 94 -38.33 -9.10 -38.40
C THR A 94 -37.27 -9.26 -37.28
N CYS A 95 -36.14 -8.55 -37.45
CA CYS A 95 -35.14 -8.39 -36.39
C CYS A 95 -35.53 -7.21 -35.47
N ILE A 96 -34.84 -7.09 -34.33
CA ILE A 96 -35.15 -6.09 -33.32
C ILE A 96 -33.87 -5.37 -32.92
N ARG A 97 -33.83 -4.07 -33.17
CA ARG A 97 -32.73 -3.21 -32.71
C ARG A 97 -32.73 -3.23 -31.21
N ILE A 98 -31.70 -3.88 -30.67
CA ILE A 98 -31.50 -4.02 -29.23
C ILE A 98 -30.13 -3.42 -28.92
N MET A 99 -29.95 -2.95 -27.69
CA MET A 99 -28.68 -2.32 -27.34
C MET A 99 -28.06 -2.83 -26.07
N THR A 100 -26.74 -3.07 -26.16
CA THR A 100 -25.90 -3.62 -25.10
C THR A 100 -26.38 -3.29 -23.68
N GLY A 101 -26.48 -4.32 -22.84
CA GLY A 101 -27.05 -4.20 -21.50
C GLY A 101 -28.55 -4.44 -21.49
N ALA A 102 -29.20 -4.26 -22.64
CA ALA A 102 -30.65 -4.27 -22.70
C ALA A 102 -31.18 -5.68 -22.57
N PRO A 103 -32.37 -5.84 -22.02
CA PRO A 103 -32.95 -7.18 -21.87
C PRO A 103 -33.44 -7.65 -23.21
N VAL A 104 -33.30 -8.94 -23.46
CA VAL A 104 -33.76 -9.49 -24.72
C VAL A 104 -35.27 -9.69 -24.61
N PRO A 105 -35.95 -9.67 -25.75
CA PRO A 105 -37.38 -9.89 -25.78
C PRO A 105 -37.59 -11.39 -25.74
N GLU A 106 -38.69 -11.82 -25.14
CA GLU A 106 -38.99 -13.25 -24.96
C GLU A 106 -38.73 -14.05 -26.26
N GLY A 107 -38.04 -15.17 -26.12
CA GLY A 107 -37.88 -16.11 -27.21
C GLY A 107 -36.85 -15.75 -28.26
N CYS A 108 -35.97 -14.78 -27.96
CA CYS A 108 -34.83 -14.43 -28.82
C CYS A 108 -33.93 -15.67 -29.03
N GLU A 109 -32.96 -15.59 -29.93
CA GLU A 109 -32.06 -16.72 -30.13
C GLU A 109 -30.59 -16.30 -30.37
N ALA A 110 -30.37 -15.05 -30.79
CA ALA A 110 -29.00 -14.51 -30.96
C ALA A 110 -28.96 -12.98 -31.03
N VAL A 111 -27.75 -12.42 -31.11
CA VAL A 111 -27.55 -10.96 -31.21
C VAL A 111 -26.37 -10.61 -32.13
N VAL A 112 -26.57 -9.64 -33.03
CA VAL A 112 -25.53 -9.28 -34.01
C VAL A 112 -25.26 -7.80 -34.01
N MET A 113 -23.97 -7.47 -33.86
CA MET A 113 -23.44 -6.11 -33.95
C MET A 113 -23.73 -5.50 -35.33
N GLN A 114 -24.54 -4.43 -35.35
CA GLN A 114 -24.93 -3.75 -36.60
C GLN A 114 -23.75 -3.31 -37.46
N GLU A 115 -22.55 -3.32 -36.86
CA GLU A 115 -21.30 -2.95 -37.51
C GLU A 115 -20.85 -4.05 -38.51
N GLN A 116 -21.00 -5.31 -38.10
CA GLN A 116 -20.90 -6.48 -38.98
C GLN A 116 -21.85 -6.35 -40.17
N THR A 117 -23.08 -5.92 -39.89
CA THR A 117 -24.17 -5.93 -40.88
C THR A 117 -24.54 -4.54 -41.41
N GLU A 118 -24.25 -4.29 -42.70
CA GLU A 118 -24.76 -3.09 -43.40
C GLU A 118 -26.28 -3.26 -43.61
N GLN A 119 -27.01 -2.14 -43.72
CA GLN A 119 -28.49 -2.15 -43.65
C GLN A 119 -29.17 -1.37 -44.80
N MET A 120 -30.49 -1.14 -44.66
CA MET A 120 -31.25 -0.17 -45.52
C MET A 120 -32.65 0.23 -44.92
N ASP A 121 -33.43 1.02 -45.69
CA ASP A 121 -34.73 1.59 -45.26
C ASP A 121 -35.97 0.66 -45.28
N ASN A 122 -35.79 -0.63 -45.57
CA ASN A 122 -36.89 -1.63 -45.51
C ASN A 122 -36.48 -3.09 -45.18
N GLY A 123 -35.17 -3.38 -45.10
CA GLY A 123 -34.67 -4.69 -44.69
C GLY A 123 -33.19 -4.67 -44.30
N VAL A 124 -32.84 -5.33 -43.17
CA VAL A 124 -31.45 -5.40 -42.69
C VAL A 124 -30.84 -6.75 -42.99
N ARG A 125 -29.61 -6.72 -43.47
CA ARG A 125 -28.98 -7.87 -44.09
C ARG A 125 -27.73 -8.23 -43.31
N PHE A 126 -27.68 -9.49 -42.91
CA PHE A 126 -26.67 -9.95 -41.97
C PHE A 126 -25.53 -10.55 -42.78
N THR A 127 -24.39 -10.81 -42.15
CA THR A 127 -23.21 -11.29 -42.90
C THR A 127 -22.80 -12.72 -42.49
N ALA A 128 -22.19 -12.86 -41.31
CA ALA A 128 -21.74 -14.17 -40.84
C ALA A 128 -22.96 -15.07 -40.53
N GLU A 129 -22.73 -16.39 -40.49
CA GLU A 129 -23.81 -17.34 -40.23
C GLU A 129 -24.31 -17.28 -38.80
N VAL A 130 -23.56 -16.56 -37.94
CA VAL A 130 -23.99 -16.18 -36.60
C VAL A 130 -24.50 -17.35 -35.71
N ARG A 131 -23.61 -17.88 -34.87
CA ARG A 131 -23.92 -19.05 -34.03
C ARG A 131 -25.23 -18.97 -33.24
N SER A 132 -25.61 -20.07 -32.60
CA SER A 132 -26.74 -20.09 -31.66
C SER A 132 -26.31 -19.48 -30.31
N GLY A 133 -27.29 -18.94 -29.57
CA GLY A 133 -27.05 -18.24 -28.31
C GLY A 133 -26.10 -17.05 -28.37
N GLN A 134 -25.69 -16.68 -29.57
CA GLN A 134 -24.67 -15.65 -29.75
C GLN A 134 -25.05 -14.38 -29.00
N ASN A 135 -24.07 -13.81 -28.33
CA ASN A 135 -24.20 -12.49 -27.71
C ASN A 135 -25.43 -12.24 -26.83
N ILE A 136 -25.73 -13.23 -25.98
CA ILE A 136 -26.73 -13.07 -24.93
C ILE A 136 -26.08 -13.32 -23.59
N ARG A 137 -25.60 -12.27 -22.94
CA ARG A 137 -25.19 -12.32 -21.55
C ARG A 137 -26.40 -12.76 -20.72
N ARG A 138 -26.28 -13.93 -20.08
CA ARG A 138 -27.43 -14.59 -19.41
C ARG A 138 -27.53 -14.21 -17.94
N ARG A 139 -28.74 -14.32 -17.39
CA ARG A 139 -28.94 -14.02 -15.97
C ARG A 139 -27.98 -14.85 -15.08
N GLY A 140 -27.21 -14.16 -14.24
CA GLY A 140 -26.30 -14.78 -13.30
C GLY A 140 -24.98 -15.29 -13.85
N GLU A 141 -24.63 -14.85 -15.06
CA GLU A 141 -23.42 -15.34 -15.70
C GLU A 141 -22.23 -14.84 -14.89
N ASP A 142 -22.38 -13.66 -14.31
CA ASP A 142 -21.30 -13.05 -13.53
C ASP A 142 -21.42 -13.48 -12.08
N ILE A 143 -22.58 -13.30 -11.47
CA ILE A 143 -22.87 -13.94 -10.19
C ILE A 143 -24.27 -14.62 -10.16
N SER A 144 -24.29 -15.88 -9.74
CA SER A 144 -25.57 -16.58 -9.52
C SER A 144 -26.00 -16.42 -8.06
N ALA A 145 -27.31 -16.20 -7.84
CA ALA A 145 -27.87 -16.17 -6.49
C ALA A 145 -27.60 -17.51 -5.82
N GLY A 146 -27.43 -17.45 -4.49
CA GLY A 146 -27.02 -18.61 -3.72
C GLY A 146 -25.53 -18.94 -3.71
N ALA A 147 -24.74 -18.38 -4.64
CA ALA A 147 -23.31 -18.75 -4.79
C ALA A 147 -22.37 -17.94 -3.92
N VAL A 148 -21.10 -18.33 -3.95
CA VAL A 148 -20.05 -17.73 -3.14
C VAL A 148 -19.27 -16.64 -3.92
N VAL A 149 -19.49 -15.40 -3.53
CA VAL A 149 -18.81 -14.22 -4.11
C VAL A 149 -17.40 -13.93 -3.54
N PHE A 150 -17.24 -14.06 -2.23
CA PHE A 150 -15.93 -13.86 -1.60
C PHE A 150 -15.84 -14.74 -0.37
N PRO A 151 -14.81 -15.62 -0.34
CA PRO A 151 -14.64 -16.60 0.75
C PRO A 151 -14.29 -15.99 2.11
N ALA A 152 -14.37 -16.79 3.16
CA ALA A 152 -13.93 -16.34 4.49
C ALA A 152 -12.45 -16.21 4.30
N GLY A 153 -11.90 -15.12 4.78
CA GLY A 153 -10.46 -14.92 4.68
C GLY A 153 -10.03 -13.91 3.65
N THR A 154 -10.96 -13.44 2.83
CA THR A 154 -10.64 -12.42 1.86
C THR A 154 -10.45 -11.07 2.51
N ARG A 155 -9.30 -10.46 2.27
CA ARG A 155 -9.05 -9.08 2.71
C ARG A 155 -9.85 -8.08 1.87
N LEU A 156 -10.69 -7.29 2.53
CA LEU A 156 -11.55 -6.38 1.82
C LEU A 156 -10.84 -5.08 1.30
N THR A 157 -10.89 -4.92 -0.01
CA THR A 157 -10.37 -3.74 -0.62
C THR A 157 -11.45 -3.15 -1.54
N THR A 158 -11.10 -2.05 -2.20
CA THR A 158 -12.00 -1.30 -3.06
C THR A 158 -12.40 -2.19 -4.20
N ALA A 159 -11.62 -3.23 -4.42
CA ALA A 159 -11.96 -4.24 -5.43
C ALA A 159 -13.23 -5.09 -5.04
N GLU A 160 -13.35 -5.57 -3.81
CA GLU A 160 -14.44 -6.45 -3.38
C GLU A 160 -15.63 -5.73 -2.80
N LEU A 161 -15.39 -4.70 -2.00
CA LEU A 161 -16.50 -4.04 -1.27
C LEU A 161 -17.62 -3.41 -2.12
N PRO A 162 -17.31 -2.80 -3.22
CA PRO A 162 -18.37 -2.33 -4.14
C PRO A 162 -19.24 -3.45 -4.75
N VAL A 163 -18.70 -4.63 -4.99
CA VAL A 163 -19.54 -5.74 -5.46
C VAL A 163 -20.56 -6.17 -4.39
N ILE A 164 -20.06 -6.40 -3.19
CA ILE A 164 -20.92 -6.58 -2.01
C ILE A 164 -22.06 -5.52 -1.95
N ALA A 165 -21.75 -4.26 -2.18
CA ALA A 165 -22.74 -3.19 -2.01
C ALA A 165 -23.79 -3.33 -3.10
N SER A 166 -23.29 -3.78 -4.26
CA SER A 166 -24.08 -3.99 -5.46
C SER A 166 -25.20 -5.04 -5.31
N LEU A 167 -25.05 -5.91 -4.32
CA LEU A 167 -25.99 -7.00 -4.05
C LEU A 167 -26.97 -6.64 -2.94
N GLY A 168 -26.93 -5.37 -2.51
CA GLY A 168 -27.86 -4.84 -1.52
C GLY A 168 -27.48 -5.03 -0.08
N ILE A 169 -26.30 -5.61 0.16
CA ILE A 169 -25.80 -5.89 1.50
C ILE A 169 -25.24 -4.59 2.11
N ALA A 170 -25.55 -4.35 3.38
CA ALA A 170 -25.10 -3.16 4.09
C ALA A 170 -23.92 -3.41 5.03
N GLU A 171 -23.68 -4.67 5.39
CA GLU A 171 -22.68 -5.01 6.42
C GLU A 171 -22.24 -6.44 6.27
N VAL A 172 -21.01 -6.70 6.74
CA VAL A 172 -20.46 -8.06 6.73
C VAL A 172 -19.77 -8.45 8.03
N PRO A 173 -19.72 -9.74 8.32
CA PRO A 173 -18.94 -10.21 9.46
C PRO A 173 -17.47 -10.22 9.12
N VAL A 174 -16.61 -9.72 10.00
CA VAL A 174 -15.16 -9.71 9.79
C VAL A 174 -14.42 -9.99 11.09
N ILE A 175 -13.29 -10.67 10.98
CA ILE A 175 -12.49 -10.95 12.17
C ILE A 175 -12.20 -9.65 12.93
N ARG A 176 -12.12 -9.71 14.26
CA ARG A 176 -11.84 -8.49 15.05
C ARG A 176 -10.44 -8.02 14.71
N LYS A 177 -10.15 -6.75 14.91
CA LYS A 177 -8.79 -6.28 14.66
C LYS A 177 -7.83 -7.06 15.56
N VAL A 178 -6.65 -7.34 15.04
CA VAL A 178 -5.57 -7.91 15.85
C VAL A 178 -5.10 -6.84 16.80
N ARG A 179 -4.66 -7.24 17.98
CA ARG A 179 -4.26 -6.35 19.06
C ARG A 179 -2.82 -6.65 19.35
N VAL A 180 -1.98 -5.63 19.33
CA VAL A 180 -0.56 -5.77 19.51
C VAL A 180 -0.15 -4.69 20.48
N ALA A 181 0.43 -5.16 21.59
CA ALA A 181 0.93 -4.33 22.66
C ALA A 181 2.43 -4.17 22.45
N LEU A 182 2.92 -2.97 22.77
CA LEU A 182 4.18 -2.48 22.29
C LEU A 182 4.84 -1.76 23.45
N PHE A 183 6.12 -2.04 23.66
CA PHE A 183 6.90 -1.29 24.62
C PHE A 183 8.42 -1.40 24.41
N SER A 184 9.11 -0.40 24.93
CA SER A 184 10.55 -0.33 24.91
C SER A 184 11.04 -0.24 26.34
N THR A 185 12.37 -0.24 26.47
CA THR A 185 13.05 -0.19 27.77
C THR A 185 14.56 0.08 27.60
N GLY A 186 15.21 0.48 28.67
CA GLY A 186 16.65 0.75 28.65
C GLY A 186 17.04 2.12 29.19
N ASP A 187 18.09 2.17 30.01
CA ASP A 187 18.49 3.42 30.65
C ASP A 187 18.93 4.50 29.65
N GLU A 188 19.32 4.07 28.46
CA GLU A 188 19.77 5.01 27.44
C GLU A 188 18.65 5.84 26.88
N LEU A 189 17.42 5.35 27.00
CA LEU A 189 16.30 5.91 26.23
C LEU A 189 15.61 7.07 26.94
N GLN A 190 15.34 8.09 26.15
CA GLN A 190 14.69 9.29 26.64
C GLN A 190 13.57 9.68 25.69
N LEU A 191 12.54 10.32 26.24
CA LEU A 191 11.43 10.88 25.46
C LEU A 191 11.70 12.29 24.99
N PRO A 192 11.07 12.66 23.89
CA PRO A 192 11.05 14.05 23.41
C PRO A 192 10.72 15.07 24.47
N GLY A 193 11.51 16.13 24.51
CA GLY A 193 11.51 17.07 25.62
C GLY A 193 12.77 16.89 26.44
N GLN A 194 12.81 15.84 27.25
CA GLN A 194 13.93 15.61 28.17
C GLN A 194 15.32 15.89 27.54
N PRO A 195 16.30 16.27 28.37
CA PRO A 195 17.65 16.55 27.85
C PRO A 195 18.30 15.23 27.49
N LEU A 196 19.46 15.28 26.84
CA LEU A 196 20.18 14.03 26.62
C LEU A 196 21.31 13.90 27.64
N GLY A 197 21.20 12.92 28.53
CA GLY A 197 22.28 12.55 29.42
C GLY A 197 23.56 12.23 28.68
N ASP A 198 24.33 11.26 29.17
CA ASP A 198 25.61 10.98 28.54
C ASP A 198 25.39 10.14 27.27
N GLY A 199 25.36 8.82 27.38
CA GLY A 199 25.24 7.97 26.20
C GLY A 199 23.80 7.73 25.90
N GLN A 200 23.08 8.83 25.67
CA GLN A 200 21.62 8.77 25.56
C GLN A 200 21.14 9.14 24.17
N ILE A 201 19.96 8.62 23.86
CA ILE A 201 19.35 8.73 22.54
C ILE A 201 17.86 8.87 22.80
N TYR A 202 17.13 9.31 21.80
CA TYR A 202 15.70 9.29 21.94
C TYR A 202 15.21 7.95 21.38
N ASP A 203 14.15 7.42 21.97
CA ASP A 203 13.56 6.17 21.53
C ASP A 203 13.01 6.40 20.13
N THR A 204 13.37 5.55 19.17
CA THR A 204 12.76 5.63 17.83
C THR A 204 12.08 4.40 17.32
N ASN A 205 12.51 3.22 17.75
CA ASN A 205 11.96 1.97 17.25
C ASN A 205 10.49 1.84 17.58
N ARG A 206 10.10 2.27 18.77
CA ARG A 206 8.71 2.12 19.25
C ARG A 206 7.76 2.90 18.34
N LEU A 207 8.12 4.14 18.05
CA LEU A 207 7.36 4.96 17.12
C LEU A 207 7.32 4.26 15.77
N ALA A 208 8.45 3.72 15.37
CA ALA A 208 8.55 2.99 14.09
C ALA A 208 7.62 1.73 14.07
N VAL A 209 7.60 0.94 15.15
CA VAL A 209 6.74 -0.21 15.14
C VAL A 209 5.27 0.21 15.26
N HIS A 210 4.99 1.30 15.98
CA HIS A 210 3.61 1.78 16.13
C HIS A 210 3.07 2.06 14.74
N LEU A 211 3.79 2.92 14.04
CA LEU A 211 3.27 3.50 12.83
C LEU A 211 2.88 2.42 11.90
N MET A 212 3.71 1.37 11.83
CA MET A 212 3.52 0.24 10.88
C MET A 212 2.40 -0.68 11.33
N LEU A 213 2.35 -1.02 12.63
CA LEU A 213 1.16 -1.69 13.21
C LEU A 213 -0.19 -1.00 12.87
N GLU A 214 -0.22 0.34 12.89
CA GLU A 214 -1.49 1.05 12.70
C GLU A 214 -1.82 1.00 11.25
N GLN A 215 -0.81 1.03 10.42
CA GLN A 215 -1.03 1.10 8.99
C GLN A 215 -1.46 -0.24 8.56
N LEU A 216 -0.98 -1.28 9.24
CA LEU A 216 -1.30 -2.67 8.94
C LEU A 216 -2.66 -3.01 9.45
N GLY A 217 -3.29 -2.11 10.20
CA GLY A 217 -4.68 -2.30 10.66
C GLY A 217 -4.88 -2.92 12.04
N CYS A 218 -3.79 -3.08 12.78
CA CYS A 218 -3.87 -3.49 14.18
C CYS A 218 -4.36 -2.43 15.17
N GLU A 219 -4.72 -2.95 16.32
CA GLU A 219 -4.97 -2.16 17.51
C GLU A 219 -3.67 -2.18 18.32
N VAL A 220 -3.04 -1.03 18.48
CA VAL A 220 -1.77 -0.88 19.21
C VAL A 220 -2.06 -0.55 20.65
N ILE A 221 -1.33 -1.15 21.57
CA ILE A 221 -1.39 -0.69 22.93
C ILE A 221 0.05 -0.40 23.39
N ASN A 222 0.29 0.88 23.54
CA ASN A 222 1.64 1.35 23.61
C ASN A 222 1.84 1.75 25.05
N LEU A 223 2.60 0.94 25.78
CA LEU A 223 2.79 1.12 27.21
C LEU A 223 4.01 1.94 27.48
N GLY A 224 4.46 2.75 26.54
CA GLY A 224 5.69 3.52 26.73
C GLY A 224 7.03 2.79 26.93
N ILE A 225 7.92 3.48 27.66
CA ILE A 225 9.26 2.99 28.00
C ILE A 225 9.25 2.47 29.40
N ILE A 226 9.07 1.17 29.58
CA ILE A 226 9.13 0.58 30.90
C ILE A 226 10.46 0.94 31.55
N ARG A 227 10.43 1.40 32.80
CA ARG A 227 11.66 1.83 33.48
C ARG A 227 12.53 0.65 33.87
N ALA A 228 13.84 0.90 33.94
CA ALA A 228 14.82 -0.17 34.02
C ALA A 228 14.86 -0.79 35.40
N ASP A 229 13.91 -1.69 35.64
CA ASP A 229 13.77 -2.32 36.94
C ASP A 229 13.04 -3.63 36.65
N PRO A 230 13.56 -4.76 37.14
CA PRO A 230 12.96 -6.06 36.90
C PRO A 230 11.49 -6.18 37.32
N HIS A 231 11.01 -5.30 38.21
CA HIS A 231 9.60 -5.25 38.61
C HIS A 231 8.76 -4.52 37.58
N ALA A 232 9.07 -3.25 37.29
CA ALA A 232 8.37 -2.50 36.21
C ALA A 232 8.08 -3.43 35.05
N LEU A 233 9.12 -4.18 34.70
CA LEU A 233 9.11 -5.07 33.57
C LEU A 233 8.15 -6.22 33.70
N ARG A 234 8.22 -6.99 34.79
CA ARG A 234 7.27 -8.09 35.01
C ARG A 234 5.88 -7.54 34.71
N ALA A 235 5.58 -6.34 35.24
CA ALA A 235 4.26 -5.73 35.15
C ALA A 235 3.87 -5.32 33.73
N ALA A 236 4.86 -4.88 32.97
CA ALA A 236 4.66 -4.53 31.58
C ALA A 236 4.14 -5.74 30.84
N PHE A 237 4.69 -6.91 31.17
CA PHE A 237 4.37 -8.14 30.47
C PHE A 237 3.00 -8.67 30.89
N ILE A 238 2.74 -8.72 32.19
CA ILE A 238 1.40 -9.08 32.71
C ILE A 238 0.24 -8.30 32.05
N GLU A 239 0.47 -7.02 31.85
CA GLU A 239 -0.50 -6.08 31.32
C GLU A 239 -0.56 -6.18 29.77
N ALA A 240 0.58 -6.36 29.16
CA ALA A 240 0.64 -6.47 27.73
C ALA A 240 -0.07 -7.78 27.31
N ASP A 241 0.37 -8.87 27.90
CA ASP A 241 -0.21 -10.19 27.70
C ASP A 241 -1.69 -10.28 28.03
N SER A 242 -2.14 -9.47 28.98
CA SER A 242 -3.54 -9.50 29.38
C SER A 242 -4.45 -8.79 28.39
N GLN A 243 -3.91 -7.89 27.57
CA GLN A 243 -4.69 -7.08 26.62
C GLN A 243 -4.28 -7.16 25.15
N ALA A 244 -3.36 -8.06 24.80
CA ALA A 244 -2.98 -8.28 23.40
C ALA A 244 -2.94 -9.74 22.96
N ASP A 245 -2.88 -9.89 21.65
CA ASP A 245 -2.62 -11.15 21.00
C ASP A 245 -1.16 -11.27 20.68
N VAL A 246 -0.48 -10.12 20.56
CA VAL A 246 0.96 -10.01 20.38
C VAL A 246 1.57 -8.85 21.22
N VAL A 247 2.72 -9.11 21.82
CA VAL A 247 3.46 -8.15 22.58
C VAL A 247 4.81 -8.04 21.88
N ILE A 248 5.24 -6.81 21.59
CA ILE A 248 6.44 -6.56 20.80
C ILE A 248 7.35 -5.63 21.56
N SER A 249 8.58 -6.08 21.80
CA SER A 249 9.63 -5.26 22.39
C SER A 249 10.32 -4.47 21.30
N SER A 250 10.10 -3.16 21.24
CA SER A 250 10.74 -2.32 20.22
C SER A 250 12.26 -2.25 20.48
N GLY A 251 12.67 -2.61 21.68
CA GLY A 251 14.08 -2.71 21.99
C GLY A 251 14.27 -2.59 23.47
N GLY A 252 15.39 -3.12 23.97
CA GLY A 252 15.69 -3.07 25.39
C GLY A 252 15.50 -4.41 26.08
N VAL A 253 14.34 -5.03 25.91
CA VAL A 253 14.26 -6.41 26.32
C VAL A 253 15.31 -7.17 25.53
N SER A 254 15.93 -8.15 26.17
CA SER A 254 17.06 -8.86 25.59
C SER A 254 16.72 -9.75 24.39
N VAL A 255 17.67 -9.85 23.47
CA VAL A 255 17.58 -10.71 22.29
C VAL A 255 18.67 -11.80 22.30
N GLY A 256 19.26 -12.06 23.48
CA GLY A 256 20.22 -13.13 23.67
C GLY A 256 21.16 -12.87 24.82
N GLU A 257 21.61 -11.62 24.92
CA GLU A 257 22.49 -11.15 26.00
C GLU A 257 21.87 -11.35 27.37
N ALA A 258 22.62 -11.96 28.29
CA ALA A 258 22.17 -12.16 29.67
C ALA A 258 22.06 -10.81 30.39
N ASP A 259 21.03 -10.72 31.23
CA ASP A 259 20.67 -9.53 32.01
C ASP A 259 19.25 -9.76 32.52
N TYR A 260 18.78 -8.90 33.43
CA TYR A 260 17.53 -9.18 34.13
C TYR A 260 16.33 -9.27 33.20
N THR A 261 16.46 -8.76 31.98
CA THR A 261 15.39 -8.81 31.00
C THR A 261 15.28 -10.19 30.38
N LYS A 262 16.40 -10.77 30.03
CA LYS A 262 16.41 -12.18 29.69
C LYS A 262 15.75 -13.00 30.80
N THR A 263 16.01 -12.64 32.07
CA THR A 263 15.48 -13.37 33.22
C THR A 263 13.97 -13.24 33.40
N ILE A 264 13.41 -12.05 33.20
CA ILE A 264 11.95 -11.87 33.31
C ILE A 264 11.25 -12.61 32.18
N LEU A 265 11.90 -12.64 31.03
CA LEU A 265 11.33 -13.27 29.85
C LEU A 265 11.28 -14.77 30.01
N GLU A 266 12.37 -15.32 30.52
CA GLU A 266 12.49 -16.77 30.65
C GLU A 266 11.51 -17.28 31.72
N GLU A 267 11.36 -16.50 32.79
CA GLU A 267 10.45 -16.81 33.89
C GLU A 267 8.95 -16.58 33.58
N LEU A 268 8.66 -15.81 32.54
CA LEU A 268 7.27 -15.42 32.19
C LEU A 268 6.71 -16.05 30.91
N GLY A 269 7.53 -16.86 30.25
CA GLY A 269 7.06 -17.64 29.14
C GLY A 269 8.11 -18.58 28.61
N GLU A 270 7.82 -19.10 27.42
CA GLU A 270 8.68 -20.01 26.68
C GLU A 270 9.17 -19.23 25.48
N ILE A 271 10.42 -18.78 25.51
CA ILE A 271 10.96 -17.87 24.49
C ILE A 271 12.29 -18.37 23.90
N ALA A 272 12.31 -18.61 22.59
CA ALA A 272 13.53 -18.90 21.81
C ALA A 272 14.40 -17.66 21.47
N PHE A 273 15.70 -17.84 21.24
CA PHE A 273 16.57 -16.67 20.99
C PHE A 273 17.42 -16.75 19.73
N TRP A 274 16.72 -16.72 18.61
CA TRP A 274 17.32 -16.95 17.31
C TRP A 274 18.37 -15.94 16.92
N LYS A 275 19.29 -16.45 16.12
CA LYS A 275 20.29 -15.63 15.46
C LYS A 275 20.10 -16.00 14.00
N LEU A 276 19.48 -15.09 13.26
CA LEU A 276 19.16 -15.33 11.87
C LEU A 276 20.31 -14.92 11.00
N ALA A 277 20.35 -15.55 9.83
CA ALA A 277 21.38 -15.31 8.87
C ALA A 277 20.88 -14.22 7.94
N ILE A 278 20.77 -13.03 8.50
CA ILE A 278 20.32 -11.89 7.74
C ILE A 278 21.22 -10.73 7.95
N LYS A 279 21.12 -9.79 7.05
CA LYS A 279 21.86 -8.56 7.16
C LYS A 279 20.96 -7.48 6.60
N PRO A 280 20.67 -6.42 7.35
CA PRO A 280 21.03 -6.26 8.75
C PRO A 280 20.19 -7.13 9.68
N GLY A 281 20.56 -7.06 10.95
CA GLY A 281 19.92 -7.84 11.99
C GLY A 281 20.76 -9.06 12.32
N LYS A 282 20.10 -10.04 12.94
CA LYS A 282 20.68 -11.32 13.32
C LYS A 282 19.87 -11.78 14.56
N PRO A 283 19.95 -11.08 15.69
CA PRO A 283 19.23 -11.55 16.85
C PRO A 283 17.74 -11.29 16.68
N PHE A 284 16.95 -12.21 17.20
CA PHE A 284 15.49 -12.06 17.22
C PHE A 284 14.93 -13.00 18.30
N ALA A 285 14.12 -12.42 19.19
CA ALA A 285 13.57 -13.10 20.34
C ALA A 285 12.09 -13.33 20.08
N PHE A 286 11.58 -14.50 20.45
CA PHE A 286 10.25 -14.92 20.03
C PHE A 286 9.75 -16.23 20.70
N GLY A 287 8.58 -16.15 21.32
CA GLY A 287 7.99 -17.31 21.93
C GLY A 287 6.58 -17.08 22.38
N LYS A 288 6.00 -18.06 23.09
CA LYS A 288 4.68 -17.86 23.67
C LYS A 288 4.78 -17.20 25.05
N LEU A 289 3.81 -16.36 25.35
CA LEU A 289 3.61 -15.89 26.70
C LEU A 289 2.39 -16.63 27.26
N SER A 290 1.93 -16.18 28.41
CA SER A 290 0.82 -16.83 29.09
C SER A 290 -0.39 -16.88 28.14
N ASN A 291 -0.70 -15.76 27.49
CA ASN A 291 -1.89 -15.60 26.65
C ASN A 291 -1.65 -14.83 25.33
N SER A 292 -0.43 -14.81 24.82
CA SER A 292 -0.10 -13.99 23.61
C SER A 292 1.20 -14.43 22.94
N TRP A 293 1.58 -13.75 21.87
CA TRP A 293 2.87 -13.99 21.26
C TRP A 293 3.87 -12.90 21.61
N PHE A 294 5.14 -13.24 21.61
CA PHE A 294 6.13 -12.23 21.89
C PHE A 294 7.13 -12.15 20.77
N CYS A 295 7.41 -10.94 20.32
CA CYS A 295 8.52 -10.68 19.44
C CYS A 295 9.42 -9.65 20.05
N GLY A 296 10.71 -9.91 19.93
CA GLY A 296 11.70 -9.13 20.61
C GLY A 296 12.68 -8.68 19.56
N LEU A 297 12.56 -7.40 19.24
CA LEU A 297 13.32 -6.81 18.17
C LEU A 297 14.73 -6.57 18.70
N PRO A 298 15.73 -6.66 17.86
CA PRO A 298 17.04 -6.14 18.22
C PRO A 298 16.96 -4.59 18.35
N GLY A 299 18.00 -4.00 18.94
CA GLY A 299 17.95 -2.61 19.36
C GLY A 299 18.24 -1.63 18.26
N ASN A 300 19.06 -2.04 17.31
CA ASN A 300 19.44 -1.16 16.21
C ASN A 300 18.23 -0.81 15.31
N PRO A 301 17.93 0.49 15.14
CA PRO A 301 16.73 0.95 14.40
C PRO A 301 16.44 0.24 13.11
N VAL A 302 17.49 0.09 12.30
CA VAL A 302 17.40 -0.58 11.02
C VAL A 302 17.16 -2.04 11.20
N SER A 303 17.93 -2.66 12.06
CA SER A 303 17.77 -4.08 12.39
C SER A 303 16.34 -4.39 12.85
N ALA A 304 15.83 -3.55 13.73
CA ALA A 304 14.51 -3.75 14.27
C ALA A 304 13.49 -3.60 13.17
N THR A 305 13.63 -2.55 12.40
CA THR A 305 12.66 -2.26 11.40
C THR A 305 12.61 -3.44 10.46
N LEU A 306 13.73 -3.79 9.87
CA LEU A 306 13.81 -4.89 8.88
C LEU A 306 13.36 -6.24 9.42
N THR A 307 13.75 -6.51 10.65
CA THR A 307 13.31 -7.71 11.31
C THR A 307 11.80 -7.69 11.35
N PHE A 308 11.17 -6.72 12.02
CA PHE A 308 9.69 -6.59 12.03
C PHE A 308 9.07 -6.75 10.65
N TYR A 309 9.53 -5.94 9.70
CA TYR A 309 8.98 -5.94 8.34
C TYR A 309 8.91 -7.31 7.68
N GLN A 310 9.98 -8.08 7.84
CA GLN A 310 10.11 -9.41 7.24
C GLN A 310 9.67 -10.57 8.12
N LEU A 311 9.49 -10.35 9.43
CA LEU A 311 9.17 -11.44 10.37
C LEU A 311 7.82 -11.26 11.05
N VAL A 312 7.63 -10.10 11.65
CA VAL A 312 6.41 -9.81 12.38
C VAL A 312 5.25 -9.44 11.51
N GLN A 313 5.49 -8.61 10.51
CA GLN A 313 4.44 -8.30 9.58
C GLN A 313 3.74 -9.59 9.10
N PRO A 314 4.46 -10.55 8.50
CA PRO A 314 3.82 -11.78 8.03
C PRO A 314 3.08 -12.61 9.08
N LEU A 315 3.57 -12.56 10.31
CA LEU A 315 2.87 -13.15 11.45
C LEU A 315 1.50 -12.47 11.73
N LEU A 316 1.43 -11.14 11.72
CA LEU A 316 0.14 -10.45 11.93
C LEU A 316 -0.92 -10.75 10.85
N ALA A 317 -0.46 -10.94 9.62
CA ALA A 317 -1.33 -11.35 8.52
C ALA A 317 -2.04 -12.72 8.75
N LYS A 318 -1.24 -13.75 9.04
CA LYS A 318 -1.78 -15.07 9.39
C LYS A 318 -2.68 -15.01 10.65
N LEU A 319 -2.32 -14.13 11.57
CA LEU A 319 -3.06 -14.00 12.81
C LEU A 319 -4.41 -13.32 12.59
N SER A 320 -4.53 -12.55 11.51
CA SER A 320 -5.72 -11.77 11.23
C SER A 320 -6.84 -12.60 10.63
N GLY A 321 -6.50 -13.78 10.15
CA GLY A 321 -7.45 -14.60 9.42
C GLY A 321 -7.28 -14.55 7.91
N ASN A 322 -6.27 -13.81 7.45
CA ASN A 322 -6.07 -13.58 6.04
C ASN A 322 -5.55 -14.85 5.35
N THR A 323 -6.28 -15.32 4.33
CA THR A 323 -5.86 -16.46 3.50
C THR A 323 -4.80 -16.17 2.42
N ALA A 324 -4.39 -14.90 2.23
CA ALA A 324 -3.34 -14.53 1.27
C ALA A 324 -1.95 -14.89 1.81
N SER A 325 -0.89 -14.37 1.18
CA SER A 325 0.51 -14.60 1.61
C SER A 325 1.26 -13.25 1.81
N GLY A 326 0.59 -12.36 2.56
CA GLY A 326 0.99 -10.96 2.77
C GLY A 326 2.44 -10.54 2.95
N LEU A 327 3.13 -10.29 1.82
CA LEU A 327 4.49 -9.74 1.80
C LEU A 327 4.95 -9.72 0.34
N PRO A 328 5.18 -8.53 -0.24
CA PRO A 328 5.36 -8.40 -1.71
C PRO A 328 6.16 -9.51 -2.39
N ALA A 329 5.91 -9.62 -3.68
CA ALA A 329 6.74 -10.46 -4.50
C ALA A 329 8.01 -9.70 -4.87
N ARG A 330 9.05 -10.48 -5.07
CA ARG A 330 10.28 -10.00 -5.60
C ARG A 330 10.17 -10.17 -7.12
N GLN A 331 11.14 -9.62 -7.83
CA GLN A 331 11.18 -9.69 -9.26
C GLN A 331 12.62 -9.35 -9.71
N ARG A 332 13.10 -10.13 -10.68
CA ARG A 332 14.50 -10.11 -11.04
C ARG A 332 14.77 -8.90 -11.94
N VAL A 333 15.84 -8.17 -11.64
CA VAL A 333 16.19 -6.95 -12.37
C VAL A 333 17.71 -6.73 -12.35
N ARG A 334 18.23 -5.99 -13.32
CA ARG A 334 19.69 -5.76 -13.41
C ARG A 334 20.20 -4.61 -12.53
N THR A 335 21.29 -4.86 -11.80
CA THR A 335 21.92 -3.86 -10.93
C THR A 335 22.65 -2.87 -11.79
N ALA A 336 22.46 -1.58 -11.52
CA ALA A 336 23.21 -0.51 -12.19
C ALA A 336 24.33 0.06 -11.31
N SER A 337 24.57 -0.62 -10.18
CA SER A 337 25.55 -0.24 -9.17
C SER A 337 26.27 -1.50 -8.65
N ARG A 338 27.58 -1.37 -8.39
CA ARG A 338 28.34 -2.46 -7.76
C ARG A 338 27.89 -2.65 -6.30
N LEU A 339 27.65 -3.89 -5.88
CA LEU A 339 27.16 -4.13 -4.52
C LEU A 339 28.11 -4.99 -3.71
N LYS A 340 28.28 -4.60 -2.45
CA LYS A 340 29.19 -5.23 -1.51
C LYS A 340 28.43 -6.21 -0.64
N LYS A 341 28.42 -7.47 -1.06
CA LYS A 341 27.74 -8.52 -0.31
C LYS A 341 28.78 -9.50 0.12
N THR A 342 28.58 -10.03 1.32
CA THR A 342 29.47 -10.96 1.94
C THR A 342 28.73 -12.29 2.15
N PRO A 343 29.30 -13.37 1.61
CA PRO A 343 28.74 -14.72 1.79
C PRO A 343 28.40 -15.05 3.24
N GLY A 344 27.48 -15.98 3.44
CA GLY A 344 27.09 -16.38 4.78
C GLY A 344 25.84 -15.73 5.34
N ARG A 345 25.44 -14.58 4.79
CA ARG A 345 24.25 -13.88 5.27
C ARG A 345 23.41 -13.33 4.10
N LEU A 346 22.09 -13.36 4.27
CA LEU A 346 21.13 -12.94 3.26
C LEU A 346 20.95 -11.43 3.41
N ASP A 347 21.52 -10.65 2.50
CA ASP A 347 21.50 -9.20 2.68
C ASP A 347 20.27 -8.55 2.04
N PHE A 348 19.46 -7.91 2.88
CA PHE A 348 18.34 -7.10 2.42
C PHE A 348 18.81 -5.69 2.29
N GLN A 349 19.71 -5.48 1.34
CA GLN A 349 20.23 -4.15 1.06
C GLN A 349 19.06 -3.32 0.54
N ARG A 350 19.26 -2.01 0.44
CA ARG A 350 18.16 -1.15 0.08
C ARG A 350 18.51 -0.56 -1.22
N GLY A 351 17.50 -0.37 -2.04
CA GLY A 351 17.70 -0.09 -3.45
C GLY A 351 16.73 0.93 -4.00
N VAL A 352 16.92 1.27 -5.26
CA VAL A 352 16.09 2.26 -5.91
C VAL A 352 15.73 1.76 -7.31
N LEU A 353 14.45 1.43 -7.47
CA LEU A 353 13.94 0.93 -8.72
C LEU A 353 13.55 2.05 -9.64
N GLN A 354 14.31 2.24 -10.72
CA GLN A 354 14.01 3.29 -11.69
C GLN A 354 14.07 2.76 -13.12
N ARG A 355 13.24 3.35 -13.99
CA ARG A 355 13.20 3.06 -15.42
C ARG A 355 14.48 3.52 -16.15
N ASN A 356 15.15 2.59 -16.85
CA ASN A 356 16.29 2.96 -17.71
C ASN A 356 15.82 3.77 -18.92
N ALA A 357 16.75 4.19 -19.76
CA ALA A 357 16.35 4.87 -21.00
C ALA A 357 15.45 3.98 -21.87
N ASP A 358 15.62 2.65 -21.79
CA ASP A 358 14.80 1.69 -22.55
C ASP A 358 13.36 1.48 -22.01
N GLY A 359 13.04 2.09 -20.87
CA GLY A 359 11.76 1.84 -20.21
C GLY A 359 11.66 0.56 -19.39
N GLU A 360 12.78 -0.11 -19.12
CA GLU A 360 12.82 -1.30 -18.27
C GLU A 360 13.43 -0.93 -16.92
N LEU A 361 13.28 -1.83 -15.96
CA LEU A 361 13.69 -1.59 -14.59
C LEU A 361 15.16 -1.93 -14.31
N GLU A 362 15.72 -1.24 -13.32
CA GLU A 362 17.08 -1.49 -12.87
C GLU A 362 17.29 -0.87 -11.50
N VAL A 363 17.72 -1.65 -10.52
CA VAL A 363 18.07 -1.10 -9.20
C VAL A 363 19.35 -0.31 -9.22
N THR A 364 19.35 0.80 -8.50
CA THR A 364 20.56 1.49 -8.05
C THR A 364 20.62 1.32 -6.55
N THR A 365 21.81 1.33 -5.96
CA THR A 365 21.92 1.33 -4.50
C THR A 365 21.65 2.71 -3.92
N THR A 366 21.23 2.70 -2.67
CA THR A 366 20.75 3.88 -1.95
C THR A 366 21.91 4.68 -1.43
N GLY A 367 23.05 3.99 -1.27
CA GLY A 367 24.22 4.51 -0.60
C GLY A 367 24.80 3.47 0.33
N HIS A 368 25.51 3.94 1.35
CA HIS A 368 26.07 3.05 2.38
C HIS A 368 25.01 2.22 3.15
N GLN A 369 25.22 0.90 3.22
CA GLN A 369 24.22 -0.03 3.75
C GLN A 369 24.46 -0.39 5.22
N GLY A 370 25.15 0.51 5.90
CA GLY A 370 25.50 0.32 7.29
C GLY A 370 24.28 0.58 8.12
N SER A 371 24.03 -0.28 9.09
CA SER A 371 22.85 -0.19 9.93
C SER A 371 22.98 0.91 11.00
N HIS A 372 24.08 1.64 10.90
CA HIS A 372 24.34 2.88 11.63
C HIS A 372 23.51 4.12 11.18
N ILE A 373 22.61 3.95 10.18
CA ILE A 373 21.78 5.04 9.63
C ILE A 373 20.44 4.61 8.99
N PHE A 374 19.35 5.31 9.30
CA PHE A 374 18.03 4.96 8.76
C PHE A 374 17.73 5.43 7.30
N SER A 375 18.50 6.41 6.82
CA SER A 375 18.16 7.17 5.61
C SER A 375 17.83 6.33 4.38
N SER A 376 18.35 5.10 4.32
CA SER A 376 18.10 4.13 3.21
C SER A 376 16.61 3.76 2.96
N PHE A 377 15.83 3.82 4.02
CA PHE A 377 14.38 3.62 3.90
C PHE A 377 13.67 4.73 3.13
N SER A 378 14.16 5.94 3.28
CA SER A 378 13.64 7.07 2.57
C SER A 378 13.99 7.03 1.08
N LEU A 379 15.29 7.08 0.79
CA LEU A 379 15.78 7.22 -0.59
C LEU A 379 15.62 5.97 -1.42
N GLY A 380 15.42 4.82 -0.74
CA GLY A 380 15.02 3.60 -1.41
C GLY A 380 13.54 3.54 -1.75
N ASN A 381 13.21 2.57 -2.59
CA ASN A 381 11.85 2.14 -2.70
C ASN A 381 11.75 0.64 -2.76
N CYS A 382 12.83 -0.05 -2.38
CA CYS A 382 12.82 -1.51 -2.42
C CYS A 382 14.01 -2.11 -1.72
N PHE A 383 13.93 -3.42 -1.53
CA PHE A 383 15.05 -4.20 -1.08
C PHE A 383 15.74 -4.76 -2.29
N ILE A 384 17.04 -4.98 -2.15
CA ILE A 384 17.81 -5.81 -3.04
C ILE A 384 18.15 -7.09 -2.26
N VAL A 385 17.34 -8.12 -2.40
CA VAL A 385 17.63 -9.35 -1.70
C VAL A 385 18.81 -10.02 -2.38
N LEU A 386 19.86 -10.26 -1.61
CA LEU A 386 21.10 -10.71 -2.17
C LEU A 386 21.33 -12.06 -1.53
N GLU A 387 21.23 -13.06 -2.38
CA GLU A 387 21.17 -14.45 -2.01
C GLU A 387 22.24 -14.81 -1.01
N ARG A 388 21.91 -15.71 -0.10
CA ARG A 388 22.77 -15.93 1.06
C ARG A 388 24.21 -16.19 0.68
N ASP A 389 24.39 -16.99 -0.35
CA ASP A 389 25.71 -17.51 -0.67
C ASP A 389 26.48 -16.59 -1.60
N ARG A 390 25.78 -15.78 -2.38
CA ARG A 390 26.38 -14.72 -3.21
C ARG A 390 27.44 -13.90 -2.52
N GLY A 391 28.48 -13.53 -3.26
CA GLY A 391 29.49 -12.59 -2.79
C GLY A 391 29.19 -11.28 -3.48
N ASN A 392 30.21 -10.44 -3.62
CA ASN A 392 30.02 -9.13 -4.27
C ASN A 392 29.33 -9.21 -5.60
N VAL A 393 28.68 -8.13 -6.00
CA VAL A 393 27.97 -8.08 -7.27
C VAL A 393 28.47 -6.90 -8.10
N GLU A 394 28.66 -7.15 -9.40
CA GLU A 394 29.11 -6.14 -10.35
C GLU A 394 27.96 -5.55 -11.13
N VAL A 395 28.17 -4.34 -11.65
CA VAL A 395 27.21 -3.66 -12.49
C VAL A 395 26.72 -4.64 -13.56
N GLY A 396 25.45 -4.57 -13.93
CA GLY A 396 24.92 -5.38 -15.00
C GLY A 396 24.52 -6.81 -14.63
N GLU A 397 25.00 -7.32 -13.49
CA GLU A 397 24.53 -8.61 -13.02
C GLU A 397 23.02 -8.56 -12.61
N TRP A 398 22.39 -9.74 -12.61
CA TRP A 398 21.01 -9.90 -12.16
C TRP A 398 20.92 -10.01 -10.64
N VAL A 399 19.75 -9.74 -10.10
CA VAL A 399 19.59 -9.63 -8.64
C VAL A 399 18.10 -9.55 -8.25
N GLU A 400 17.71 -10.15 -7.12
CA GLU A 400 16.30 -10.13 -6.77
C GLU A 400 15.97 -8.81 -6.08
N VAL A 401 14.76 -8.36 -6.32
CA VAL A 401 14.34 -7.05 -5.84
C VAL A 401 12.94 -7.15 -5.25
N GLU A 402 12.71 -6.54 -4.10
CA GLU A 402 11.39 -6.58 -3.45
C GLU A 402 10.97 -5.16 -3.24
N PRO A 403 10.04 -4.67 -4.04
CA PRO A 403 9.55 -3.29 -3.82
C PRO A 403 9.03 -3.17 -2.41
N PHE A 404 9.36 -2.04 -1.75
CA PHE A 404 8.72 -1.66 -0.49
C PHE A 404 7.20 -1.73 -0.65
N ASN A 405 6.46 -1.22 0.32
CA ASN A 405 5.01 -1.12 0.24
C ASN A 405 4.57 0.11 1.04
N ALA A 406 3.25 0.29 1.13
CA ALA A 406 2.64 1.46 1.74
C ALA A 406 3.38 2.05 2.97
N LEU A 407 3.88 1.19 3.84
CA LEU A 407 4.61 1.57 5.06
C LEU A 407 5.80 2.48 4.87
N PHE A 408 6.25 2.69 3.64
CA PHE A 408 7.47 3.49 3.34
C PHE A 408 7.32 4.53 2.21
N GLY A 409 6.21 4.56 1.47
CA GLY A 409 5.99 5.60 0.44
C GLY A 409 4.98 5.32 -0.71
N GLY A 410 4.37 6.37 -1.25
CA GLY A 410 3.36 6.20 -2.31
C GLY A 410 2.09 5.44 -1.88
N LEU A 411 1.17 5.20 -2.83
CA LEU A 411 -0.11 4.46 -2.61
C LEU A 411 -1.15 5.03 -1.56
N LEU B 7 -12.14 12.32 -27.42
CA LEU B 7 -11.21 13.21 -28.18
C LEU B 7 -10.08 13.81 -27.35
N MET B 8 -10.37 14.43 -26.22
CA MET B 8 -9.30 14.99 -25.37
C MET B 8 -8.50 13.86 -24.71
N SER B 9 -7.20 14.05 -24.59
CA SER B 9 -6.31 12.99 -24.11
C SER B 9 -6.16 13.04 -22.58
N LEU B 10 -6.08 11.89 -21.94
CA LEU B 10 -5.87 11.84 -20.51
C LEU B 10 -4.88 12.90 -20.06
N ASP B 11 -3.68 12.85 -20.63
CA ASP B 11 -2.56 13.76 -20.32
C ASP B 11 -2.98 15.22 -20.31
N THR B 12 -3.70 15.60 -21.35
CA THR B 12 -4.22 16.97 -21.51
C THR B 12 -5.14 17.37 -20.36
N ALA B 13 -6.06 16.50 -20.00
CA ALA B 13 -6.99 16.72 -18.88
C ALA B 13 -6.27 16.80 -17.54
N LEU B 14 -5.38 15.87 -17.30
CA LEU B 14 -4.59 15.89 -16.10
C LEU B 14 -3.97 17.26 -15.91
N ASN B 15 -3.20 17.68 -16.91
CA ASN B 15 -2.51 18.96 -16.87
C ASN B 15 -3.48 20.06 -16.64
N GLU B 16 -4.53 20.08 -17.42
CA GLU B 16 -5.51 21.14 -17.34
C GLU B 16 -6.13 21.26 -15.92
N MET B 17 -6.45 20.11 -15.31
CA MET B 17 -6.93 20.06 -13.92
C MET B 17 -5.85 20.60 -12.99
N LEU B 18 -4.70 19.95 -13.03
CA LEU B 18 -3.62 20.24 -12.11
C LEU B 18 -3.10 21.68 -12.17
N SER B 19 -3.18 22.29 -13.35
CA SER B 19 -2.55 23.60 -13.65
C SER B 19 -3.24 24.74 -12.93
N ARG B 20 -4.51 24.55 -12.59
CA ARG B 20 -5.29 25.52 -11.82
C ARG B 20 -5.29 25.21 -10.29
N VAL B 21 -5.02 23.96 -9.92
CA VAL B 21 -5.15 23.55 -8.52
C VAL B 21 -4.02 24.11 -7.74
N THR B 22 -4.40 24.84 -6.69
CA THR B 22 -3.46 25.35 -5.73
C THR B 22 -3.51 24.44 -4.50
N PRO B 23 -2.34 23.92 -4.12
CA PRO B 23 -2.20 23.09 -2.92
C PRO B 23 -2.60 23.83 -1.67
N LEU B 24 -3.27 23.10 -0.80
CA LEU B 24 -3.61 23.56 0.53
C LEU B 24 -2.38 24.09 1.27
N THR B 25 -2.59 25.00 2.21
CA THR B 25 -1.51 25.44 3.09
C THR B 25 -1.94 25.62 4.51
N ALA B 26 -3.18 25.28 4.87
CA ALA B 26 -3.60 25.33 6.26
C ALA B 26 -2.81 24.32 6.99
N GLN B 27 -2.56 24.54 8.27
CA GLN B 27 -1.70 23.61 9.02
C GLN B 27 -2.03 23.34 10.50
N GLU B 28 -1.76 22.11 10.93
CA GLU B 28 -1.95 21.70 12.31
C GLU B 28 -0.72 20.89 12.75
N THR B 29 -0.49 20.87 14.06
CA THR B 29 0.71 20.26 14.57
C THR B 29 0.38 19.12 15.45
N LEU B 30 0.61 17.91 14.97
CA LEU B 30 0.28 16.76 15.76
C LEU B 30 1.51 15.95 15.96
N PRO B 31 1.46 15.15 17.04
CA PRO B 31 2.57 14.26 17.39
C PRO B 31 2.85 13.23 16.30
N LEU B 32 4.14 12.96 16.12
CA LEU B 32 4.63 12.01 15.15
C LEU B 32 3.70 10.79 14.93
N VAL B 33 3.24 10.14 16.00
CA VAL B 33 2.49 8.89 15.88
C VAL B 33 1.19 9.00 15.07
N GLN B 34 0.69 10.22 14.94
CA GLN B 34 -0.52 10.57 14.16
C GLN B 34 -0.21 11.09 12.73
N CYS B 35 1.03 11.10 12.31
CA CYS B 35 1.36 11.86 11.12
C CYS B 35 1.53 11.02 9.87
N PHE B 36 1.19 9.73 9.98
CA PHE B 36 1.46 8.82 8.89
C PHE B 36 0.73 9.31 7.67
N GLY B 37 1.40 9.48 6.56
CA GLY B 37 0.67 9.76 5.33
C GLY B 37 0.45 11.24 5.19
N ARG B 38 0.94 12.00 6.16
CA ARG B 38 0.63 13.42 6.17
C ARG B 38 1.74 14.26 5.67
N ILE B 39 1.40 15.20 4.82
CA ILE B 39 2.35 16.11 4.24
C ILE B 39 2.96 17.05 5.25
N LEU B 40 4.26 17.22 5.21
CA LEU B 40 4.93 18.06 6.20
C LEU B 40 4.85 19.55 5.81
N ALA B 41 4.75 20.44 6.79
CA ALA B 41 4.39 21.83 6.45
C ALA B 41 5.63 22.69 6.22
N SER B 42 6.62 22.48 7.06
CA SER B 42 7.86 23.23 6.94
C SER B 42 9.03 22.36 7.35
N ASP B 43 10.17 22.61 6.70
CA ASP B 43 11.39 21.78 6.82
C ASP B 43 11.68 21.39 8.25
N VAL B 44 12.14 20.16 8.43
CA VAL B 44 12.57 19.68 9.74
C VAL B 44 14.05 20.04 9.86
N VAL B 45 14.35 20.94 10.79
CA VAL B 45 15.72 21.40 11.03
C VAL B 45 16.33 20.64 12.21
N SER B 46 17.48 20.02 11.99
CA SER B 46 18.05 19.09 12.97
C SER B 46 18.55 19.87 14.17
N PRO B 47 18.02 19.58 15.34
CA PRO B 47 18.39 20.34 16.52
C PRO B 47 19.69 19.84 17.16
N LEU B 48 20.19 18.67 16.74
CA LEU B 48 21.44 18.13 17.27
C LEU B 48 22.26 17.40 16.23
N ASP B 49 23.53 17.18 16.59
CA ASP B 49 24.51 16.50 15.73
C ASP B 49 24.09 15.03 15.92
N VAL B 50 23.98 14.26 14.83
CA VAL B 50 23.73 12.82 14.89
C VAL B 50 24.74 12.04 14.05
N PRO B 51 25.45 11.08 14.65
CA PRO B 51 25.36 10.78 16.09
C PRO B 51 25.78 11.96 16.97
N GLY B 52 25.47 11.97 18.25
CA GLY B 52 25.78 13.11 19.09
C GLY B 52 27.07 13.05 19.93
N PHE B 53 27.93 12.06 19.62
CA PHE B 53 29.15 11.74 20.39
C PHE B 53 29.89 10.55 19.73
N ASP B 54 31.20 10.64 19.58
CA ASP B 54 31.90 9.54 18.95
C ASP B 54 31.60 8.27 19.78
N ASN B 55 31.24 7.19 19.08
CA ASN B 55 30.85 5.91 19.67
C ASN B 55 31.32 4.73 18.82
N SER B 56 31.32 3.54 19.43
CA SER B 56 31.93 2.36 18.81
C SER B 56 31.02 1.79 17.77
N ALA B 57 31.61 1.43 16.63
CA ALA B 57 30.89 0.90 15.48
C ALA B 57 30.83 -0.61 15.53
N MET B 58 30.90 -1.17 16.74
CA MET B 58 31.44 -2.52 16.95
C MET B 58 31.40 -2.91 18.44
N ASP B 59 31.46 -4.20 18.74
CA ASP B 59 31.60 -4.72 20.11
C ASP B 59 33.08 -5.12 20.32
N GLY B 60 33.69 -4.79 21.46
CA GLY B 60 35.15 -4.91 21.63
C GLY B 60 35.80 -4.04 22.71
N TYR B 61 36.94 -3.39 22.41
CA TYR B 61 37.55 -2.40 23.32
C TYR B 61 38.12 -1.15 22.64
N ALA B 62 37.94 -0.02 23.30
CA ALA B 62 38.62 1.23 23.00
C ALA B 62 40.09 1.13 23.36
N VAL B 63 40.98 1.62 22.48
CA VAL B 63 42.44 1.61 22.73
C VAL B 63 43.11 2.93 22.32
N ARG B 64 44.42 3.03 22.60
CA ARG B 64 45.27 4.00 21.92
C ARG B 64 46.44 3.31 21.22
N LEU B 65 46.94 4.01 20.19
CA LEU B 65 48.02 3.53 19.37
C LEU B 65 49.33 3.41 20.12
N ALA B 66 49.66 4.36 20.97
CA ALA B 66 50.91 4.23 21.74
C ALA B 66 50.94 2.97 22.62
N ASP B 67 49.77 2.54 23.12
CA ASP B 67 49.69 1.29 23.87
C ASP B 67 49.92 0.12 22.93
N ILE B 68 48.88 -0.31 22.21
CA ILE B 68 49.03 -1.26 21.10
C ILE B 68 50.47 -1.40 20.63
N ALA B 69 51.05 -0.26 20.27
CA ALA B 69 52.39 -0.17 19.71
C ALA B 69 53.36 -0.94 20.58
N SER B 70 53.63 -0.46 21.79
CA SER B 70 54.46 -1.19 22.75
C SER B 70 54.54 -2.69 22.38
N GLY B 71 53.55 -3.50 22.77
CA GLY B 71 53.49 -4.84 22.21
C GLY B 71 52.74 -5.86 23.05
N GLN B 72 53.09 -5.90 24.33
CA GLN B 72 52.54 -6.88 25.26
C GLN B 72 51.04 -6.63 25.50
N PRO B 73 50.32 -7.63 26.02
CA PRO B 73 48.89 -7.47 26.37
C PRO B 73 48.59 -6.26 27.28
N LEU B 74 47.38 -6.15 27.81
CA LEU B 74 47.03 -4.99 28.63
C LEU B 74 45.63 -5.04 29.27
N PRO B 75 45.57 -4.69 30.56
CA PRO B 75 44.33 -4.77 31.35
C PRO B 75 43.16 -4.03 30.78
N VAL B 76 42.18 -3.79 31.65
CA VAL B 76 40.81 -3.58 31.21
C VAL B 76 40.13 -2.59 32.12
N ALA B 77 40.88 -1.62 32.63
CA ALA B 77 40.49 -0.67 33.72
C ALA B 77 39.02 -0.21 33.89
N GLY B 78 38.16 -0.50 32.93
CA GLY B 78 36.73 -0.40 33.11
C GLY B 78 36.01 -0.74 31.82
N LYS B 79 34.81 -0.18 31.64
CA LYS B 79 34.03 -0.40 30.42
C LYS B 79 32.99 0.71 30.16
N SER B 80 32.73 0.98 28.88
CA SER B 80 31.61 1.83 28.46
C SER B 80 30.49 1.02 27.80
N PHE B 81 29.30 1.02 28.43
CA PHE B 81 28.13 0.26 27.97
C PHE B 81 27.12 1.13 27.21
N ALA B 82 26.04 0.50 26.73
CA ALA B 82 24.94 1.19 26.04
C ALA B 82 24.51 2.51 26.73
N GLY B 83 23.89 2.42 27.90
CA GLY B 83 23.54 3.58 28.70
C GLY B 83 24.72 4.19 29.47
N GLN B 84 25.56 3.28 30.02
CA GLN B 84 26.67 3.57 30.94
C GLN B 84 27.94 4.03 30.21
N PRO B 85 28.36 5.27 30.38
CA PRO B 85 29.64 5.76 29.82
C PRO B 85 30.78 5.70 30.83
N TYR B 86 31.96 5.20 30.42
CA TYR B 86 33.09 5.07 31.35
C TYR B 86 33.79 6.41 31.54
N HIS B 87 33.75 6.94 32.76
CA HIS B 87 34.39 8.22 33.11
C HIS B 87 35.52 8.02 34.12
N GLY B 88 36.13 6.84 34.09
CA GLY B 88 37.25 6.51 34.94
C GLY B 88 38.53 7.09 34.40
N GLU B 89 39.63 6.71 35.03
CA GLU B 89 40.93 7.39 34.87
C GLU B 89 41.61 6.95 33.56
N TRP B 90 41.41 5.67 33.23
CA TRP B 90 41.97 5.05 32.04
C TRP B 90 43.49 5.25 32.01
N PRO B 91 44.19 4.39 32.74
CA PRO B 91 45.62 4.54 32.86
C PRO B 91 46.29 3.90 31.65
N ALA B 92 47.60 4.10 31.60
CA ALA B 92 48.40 3.78 30.44
C ALA B 92 48.68 2.30 30.38
N GLY B 93 48.82 1.80 29.15
CA GLY B 93 49.02 0.39 28.88
C GLY B 93 47.81 -0.44 29.30
N THR B 94 46.63 0.18 29.32
CA THR B 94 45.39 -0.53 29.59
C THR B 94 44.42 -0.21 28.47
N CYS B 95 43.15 -0.49 28.69
CA CYS B 95 42.14 -0.35 27.66
C CYS B 95 40.76 -0.42 28.29
N ILE B 96 39.73 -0.07 27.52
CA ILE B 96 38.40 0.09 28.05
C ILE B 96 37.43 -0.70 27.18
N ARG B 97 36.72 -1.65 27.79
CA ARG B 97 35.78 -2.50 27.08
C ARG B 97 34.54 -1.69 26.64
N ILE B 98 34.05 -1.97 25.44
CA ILE B 98 33.02 -1.14 24.82
C ILE B 98 31.97 -1.96 24.05
N MET B 99 30.72 -1.67 24.35
CA MET B 99 29.60 -2.31 23.70
C MET B 99 29.58 -1.80 22.26
N THR B 100 28.42 -1.61 21.66
CA THR B 100 28.35 -1.02 20.34
C THR B 100 27.37 0.12 20.45
N GLY B 101 27.62 1.19 19.72
CA GLY B 101 26.97 2.44 20.03
C GLY B 101 27.30 2.98 21.42
N ALA B 102 28.30 2.40 22.09
CA ALA B 102 28.73 2.97 23.35
C ALA B 102 29.61 4.20 23.06
N PRO B 103 29.49 5.27 23.83
CA PRO B 103 30.40 6.40 23.67
C PRO B 103 31.86 6.01 23.90
N VAL B 104 32.69 6.66 23.14
CA VAL B 104 34.08 6.33 23.09
C VAL B 104 34.63 7.18 24.21
N PRO B 105 35.50 6.60 25.03
CA PRO B 105 36.11 7.33 26.16
C PRO B 105 37.15 8.36 25.69
N GLU B 106 37.40 9.34 26.54
CA GLU B 106 38.29 10.45 26.22
C GLU B 106 39.70 9.96 25.95
N GLY B 107 40.22 10.33 24.79
CA GLY B 107 41.51 9.83 24.39
C GLY B 107 41.43 8.61 23.51
N CYS B 108 40.27 8.01 23.38
CA CYS B 108 40.20 6.79 22.60
C CYS B 108 40.66 7.23 21.24
N GLU B 109 41.56 6.48 20.64
CA GLU B 109 42.09 6.87 19.34
C GLU B 109 41.83 5.80 18.30
N ALA B 110 41.06 4.79 18.65
CA ALA B 110 40.68 3.71 17.75
C ALA B 110 39.96 2.67 18.57
N VAL B 111 39.23 1.78 17.91
CA VAL B 111 38.56 0.69 18.58
C VAL B 111 38.87 -0.60 17.83
N VAL B 112 38.88 -1.73 18.56
CA VAL B 112 39.14 -3.03 17.95
C VAL B 112 38.00 -4.03 18.19
N MET B 113 37.64 -4.74 17.11
CA MET B 113 36.59 -5.78 17.09
C MET B 113 36.83 -6.82 18.16
N GLN B 114 35.77 -7.29 18.79
CA GLN B 114 35.84 -8.40 19.77
C GLN B 114 36.45 -9.65 19.12
N GLU B 115 36.37 -9.74 17.80
CA GLU B 115 36.89 -10.92 17.08
C GLU B 115 38.42 -10.87 16.79
N GLN B 116 39.07 -9.71 16.98
CA GLN B 116 40.52 -9.60 16.80
C GLN B 116 41.25 -9.52 18.14
N THR B 117 40.68 -10.15 19.17
CA THR B 117 41.33 -10.20 20.48
C THR B 117 41.31 -11.61 21.07
N GLU B 118 42.36 -11.92 21.84
CA GLU B 118 42.43 -13.15 22.64
C GLU B 118 42.70 -12.74 24.09
N GLN B 119 41.99 -13.36 25.04
CA GLN B 119 42.15 -13.02 26.45
C GLN B 119 43.56 -13.41 26.92
N MET B 120 43.97 -12.89 28.07
CA MET B 120 45.17 -13.34 28.76
C MET B 120 45.02 -13.19 30.29
N ASP B 121 45.71 -14.05 31.01
CA ASP B 121 45.95 -13.91 32.45
C ASP B 121 46.20 -12.46 32.91
N ASN B 122 46.90 -11.69 32.07
CA ASN B 122 47.31 -10.31 32.36
C ASN B 122 46.63 -9.29 31.45
N GLY B 123 45.38 -9.55 31.08
CA GLY B 123 44.61 -8.65 30.22
C GLY B 123 44.34 -9.15 28.80
N VAL B 124 44.52 -8.25 27.83
CA VAL B 124 44.00 -8.39 26.47
C VAL B 124 45.07 -8.16 25.39
N ARG B 125 45.11 -9.05 24.40
CA ARG B 125 46.06 -9.00 23.30
C ARG B 125 45.32 -8.66 22.02
N PHE B 126 45.90 -7.80 21.20
CA PHE B 126 45.31 -7.39 19.94
C PHE B 126 46.03 -8.04 18.78
N THR B 127 45.38 -9.05 18.18
CA THR B 127 45.95 -9.87 17.12
C THR B 127 46.38 -9.09 15.88
N ALA B 128 45.51 -8.21 15.40
CA ALA B 128 45.68 -7.58 14.08
C ALA B 128 46.13 -6.13 14.18
N GLU B 129 46.19 -5.47 13.02
CA GLU B 129 46.60 -4.07 12.94
C GLU B 129 45.53 -3.16 13.49
N VAL B 130 45.97 -1.99 13.97
CA VAL B 130 45.08 -0.95 14.43
C VAL B 130 45.39 0.33 13.64
N ARG B 131 44.41 0.73 12.83
CA ARG B 131 44.55 1.90 11.99
C ARG B 131 43.97 3.05 12.79
N SER B 132 44.63 4.20 12.77
CA SER B 132 44.15 5.37 13.52
C SER B 132 42.69 5.66 13.21
N GLY B 133 41.91 5.99 14.22
CA GLY B 133 40.55 6.48 14.01
C GLY B 133 39.54 5.43 13.59
N GLN B 134 40.06 4.26 13.19
CA GLN B 134 39.27 3.08 12.87
C GLN B 134 38.11 2.87 13.84
N ASN B 135 36.96 2.48 13.29
CA ASN B 135 35.81 2.01 14.05
C ASN B 135 35.17 3.02 14.99
N ILE B 136 35.51 4.28 14.84
CA ILE B 136 34.86 5.33 15.61
C ILE B 136 33.90 6.07 14.69
N ARG B 137 32.61 5.71 14.77
CA ARG B 137 31.50 6.56 14.28
C ARG B 137 31.61 7.93 14.95
N ARG B 138 31.78 8.95 14.14
CA ARG B 138 32.16 10.29 14.58
C ARG B 138 30.94 11.20 14.64
N ARG B 139 30.88 12.01 15.69
CA ARG B 139 29.78 12.95 15.95
C ARG B 139 29.46 13.95 14.82
N GLY B 140 28.32 13.76 14.16
CA GLY B 140 27.85 14.63 13.10
C GLY B 140 27.98 14.05 11.71
N GLU B 141 28.50 12.83 11.55
CA GLU B 141 28.78 12.32 10.19
C GLU B 141 27.55 11.97 9.34
N ASP B 142 26.41 11.80 10.01
CA ASP B 142 25.16 11.38 9.40
C ASP B 142 24.17 12.52 9.25
N ILE B 143 24.12 13.37 10.27
CA ILE B 143 23.25 14.52 10.24
C ILE B 143 23.96 15.63 10.95
N SER B 144 24.01 16.79 10.32
CA SER B 144 24.60 17.96 10.95
C SER B 144 23.48 18.72 11.61
N ALA B 145 23.68 19.16 12.84
CA ALA B 145 22.74 20.11 13.46
C ALA B 145 22.69 21.43 12.67
N GLY B 146 21.46 21.94 12.52
CA GLY B 146 21.16 23.10 11.71
C GLY B 146 20.81 22.74 10.28
N ALA B 147 20.91 21.46 9.94
CA ALA B 147 20.70 21.00 8.56
C ALA B 147 19.30 20.46 8.32
N VAL B 148 18.77 20.80 7.14
CA VAL B 148 17.43 20.42 6.78
C VAL B 148 17.48 18.92 6.59
N VAL B 149 16.64 18.23 7.36
CA VAL B 149 16.57 16.80 7.32
C VAL B 149 15.48 16.42 6.39
N PHE B 150 14.33 17.09 6.52
CA PHE B 150 13.20 16.84 5.62
C PHE B 150 12.56 18.13 5.11
N PRO B 151 12.45 18.24 3.78
CA PRO B 151 11.83 19.41 3.18
C PRO B 151 10.30 19.42 3.35
N ALA B 152 9.78 20.64 3.32
CA ALA B 152 8.36 20.89 3.32
C ALA B 152 7.75 20.16 2.14
N GLY B 153 6.71 19.38 2.40
CA GLY B 153 6.03 18.67 1.35
C GLY B 153 6.44 17.22 1.33
N THR B 154 7.18 16.82 2.34
CA THR B 154 7.56 15.44 2.42
C THR B 154 6.39 14.77 3.01
N ARG B 155 5.80 13.82 2.28
CA ARG B 155 4.78 12.92 2.79
C ARG B 155 5.47 11.98 3.74
N LEU B 156 4.90 11.80 4.92
CA LEU B 156 5.59 11.14 6.03
C LEU B 156 5.26 9.69 6.22
N THR B 157 6.26 8.84 6.26
CA THR B 157 6.00 7.42 6.47
C THR B 157 6.92 6.87 7.55
N THR B 158 6.88 5.56 7.74
CA THR B 158 7.84 4.91 8.61
C THR B 158 9.28 5.28 8.27
N ALA B 159 9.55 5.63 7.03
CA ALA B 159 10.90 6.10 6.69
C ALA B 159 11.34 7.34 7.47
N GLU B 160 10.56 8.41 7.43
CA GLU B 160 11.02 9.74 7.85
C GLU B 160 10.70 10.03 9.33
N LEU B 161 9.60 9.49 9.82
CA LEU B 161 9.09 9.82 11.16
C LEU B 161 9.90 9.28 12.35
N PRO B 162 10.42 8.07 12.27
CA PRO B 162 11.35 7.64 13.28
C PRO B 162 12.64 8.50 13.31
N VAL B 163 13.06 8.95 12.13
CA VAL B 163 14.31 9.71 12.04
C VAL B 163 14.12 11.02 12.77
N ILE B 164 12.90 11.55 12.69
CA ILE B 164 12.52 12.79 13.38
C ILE B 164 12.49 12.60 14.89
N ALA B 165 12.01 11.44 15.34
CA ALA B 165 12.03 11.12 16.75
C ALA B 165 13.45 10.93 17.21
N SER B 166 14.34 10.48 16.33
CA SER B 166 15.72 10.31 16.72
C SER B 166 16.30 11.64 17.15
N LEU B 167 15.79 12.72 16.55
CA LEU B 167 16.24 14.08 16.85
C LEU B 167 15.50 14.72 18.03
N GLY B 168 14.84 13.91 18.86
CA GLY B 168 14.11 14.41 20.01
C GLY B 168 12.76 15.03 19.76
N ILE B 169 12.35 15.12 18.49
CA ILE B 169 11.22 15.93 18.10
C ILE B 169 9.90 15.19 18.35
N ALA B 170 8.98 15.78 19.14
CA ALA B 170 7.70 15.11 19.48
C ALA B 170 6.55 15.30 18.47
N GLU B 171 6.63 16.33 17.65
CA GLU B 171 5.54 16.66 16.77
C GLU B 171 6.03 17.53 15.66
N VAL B 172 5.21 17.76 14.64
CA VAL B 172 5.58 18.61 13.51
C VAL B 172 4.37 19.21 12.83
N PRO B 173 4.52 20.43 12.31
CA PRO B 173 3.43 21.05 11.54
C PRO B 173 3.20 20.26 10.25
N VAL B 174 1.96 19.87 10.00
CA VAL B 174 1.57 19.21 8.75
C VAL B 174 0.40 19.96 8.14
N ILE B 175 0.27 19.85 6.82
CA ILE B 175 -0.89 20.45 6.17
C ILE B 175 -2.14 19.69 6.66
N ARG B 176 -3.24 20.42 6.80
CA ARG B 176 -4.51 19.89 7.19
C ARG B 176 -4.97 18.84 6.18
N LYS B 177 -5.69 17.77 6.61
CA LYS B 177 -6.16 16.72 5.69
C LYS B 177 -7.01 17.38 4.65
N VAL B 178 -6.95 16.87 3.42
CA VAL B 178 -7.89 17.29 2.39
C VAL B 178 -9.34 16.85 2.66
N ARG B 179 -10.30 17.76 2.42
CA ARG B 179 -11.75 17.60 2.64
C ARG B 179 -12.50 17.30 1.34
N VAL B 180 -13.20 16.18 1.32
CA VAL B 180 -13.86 15.70 0.11
C VAL B 180 -15.29 15.37 0.43
N ALA B 181 -16.22 16.13 -0.13
CA ALA B 181 -17.64 15.82 -0.03
C ALA B 181 -17.98 14.91 -1.15
N LEU B 182 -18.88 13.97 -0.89
CA LEU B 182 -19.16 12.89 -1.81
C LEU B 182 -20.65 12.71 -1.81
N PHE B 183 -21.28 12.52 -2.96
CA PHE B 183 -22.70 12.17 -2.98
C PHE B 183 -23.17 11.59 -4.31
N SER B 184 -24.33 10.96 -4.30
CA SER B 184 -24.88 10.43 -5.54
C SER B 184 -26.35 10.72 -5.61
N THR B 185 -26.93 10.50 -6.78
CA THR B 185 -28.34 10.83 -7.04
C THR B 185 -28.90 9.99 -8.18
N GLY B 186 -30.23 9.96 -8.23
CA GLY B 186 -30.96 9.34 -9.32
C GLY B 186 -31.99 8.39 -8.79
N ASP B 187 -33.16 8.36 -9.42
CA ASP B 187 -34.27 7.51 -8.98
C ASP B 187 -34.05 6.00 -9.07
N GLU B 188 -33.10 5.58 -9.89
CA GLU B 188 -32.74 4.16 -9.98
C GLU B 188 -31.98 3.67 -8.73
N LEU B 189 -31.63 4.57 -7.83
CA LEU B 189 -30.60 4.25 -6.85
C LEU B 189 -31.25 3.85 -5.60
N GLN B 190 -30.89 2.68 -5.10
CA GLN B 190 -31.44 2.22 -3.86
C GLN B 190 -30.32 1.91 -2.86
N LEU B 191 -30.63 2.09 -1.59
CA LEU B 191 -29.75 1.60 -0.54
C LEU B 191 -30.11 0.15 -0.23
N PRO B 192 -29.14 -0.53 0.39
CA PRO B 192 -29.35 -1.83 1.01
C PRO B 192 -30.69 -1.98 1.71
N GLY B 193 -31.30 -3.15 1.64
CA GLY B 193 -32.54 -3.41 2.36
C GLY B 193 -33.77 -3.12 1.53
N GLN B 194 -33.84 -1.94 0.91
CA GLN B 194 -34.98 -1.54 0.05
C GLN B 194 -35.17 -2.48 -1.15
N PRO B 195 -36.39 -2.55 -1.69
CA PRO B 195 -36.66 -3.40 -2.85
C PRO B 195 -35.97 -2.89 -4.11
N LEU B 196 -35.74 -3.80 -5.06
CA LEU B 196 -35.22 -3.38 -6.36
C LEU B 196 -36.35 -3.32 -7.38
N GLY B 197 -36.99 -2.15 -7.39
CA GLY B 197 -37.97 -1.79 -8.41
C GLY B 197 -37.46 -2.13 -9.80
N ASP B 198 -37.88 -1.36 -10.80
CA ASP B 198 -37.79 -1.84 -12.17
C ASP B 198 -36.35 -1.75 -12.64
N GLY B 199 -35.98 -0.69 -13.37
CA GLY B 199 -34.61 -0.55 -13.87
C GLY B 199 -33.62 -0.03 -12.84
N GLN B 200 -33.82 -0.38 -11.56
CA GLN B 200 -33.08 0.16 -10.42
C GLN B 200 -31.82 -0.64 -10.10
N ILE B 201 -31.00 -0.11 -9.20
CA ILE B 201 -29.78 -0.75 -8.77
C ILE B 201 -29.51 -0.34 -7.33
N TYR B 202 -28.51 -0.97 -6.71
CA TYR B 202 -28.00 -0.55 -5.40
C TYR B 202 -26.76 0.31 -5.58
N ASP B 203 -26.66 1.37 -4.81
CA ASP B 203 -25.67 2.41 -5.08
C ASP B 203 -24.31 1.82 -4.76
N THR B 204 -23.34 1.93 -5.67
CA THR B 204 -21.99 1.37 -5.44
C THR B 204 -20.80 2.34 -5.68
N ASN B 205 -20.94 3.27 -6.62
CA ASN B 205 -19.86 4.21 -6.91
C ASN B 205 -19.48 5.07 -5.65
N ARG B 206 -20.48 5.43 -4.84
CA ARG B 206 -20.25 6.20 -3.63
C ARG B 206 -19.39 5.46 -2.63
N LEU B 207 -19.83 4.28 -2.25
CA LEU B 207 -19.00 3.38 -1.42
C LEU B 207 -17.59 3.21 -1.97
N ALA B 208 -17.47 2.98 -3.28
CA ALA B 208 -16.14 2.79 -3.84
C ALA B 208 -15.31 4.06 -3.57
N VAL B 209 -15.85 5.22 -3.91
CA VAL B 209 -15.16 6.48 -3.75
C VAL B 209 -14.86 6.88 -2.28
N HIS B 210 -15.83 6.67 -1.40
CA HIS B 210 -15.57 6.87 0.03
C HIS B 210 -14.28 6.08 0.41
N LEU B 211 -14.30 4.77 0.18
CA LEU B 211 -13.17 3.93 0.50
C LEU B 211 -11.86 4.56 0.04
N MET B 212 -11.76 4.86 -1.24
CA MET B 212 -10.44 5.22 -1.77
C MET B 212 -10.00 6.50 -1.08
N LEU B 213 -10.93 7.49 -1.04
CA LEU B 213 -10.76 8.74 -0.28
C LEU B 213 -10.17 8.52 1.11
N GLU B 214 -10.75 7.58 1.87
CA GLU B 214 -10.34 7.37 3.26
C GLU B 214 -8.93 6.80 3.29
N GLN B 215 -8.70 5.87 2.38
CA GLN B 215 -7.43 5.20 2.29
C GLN B 215 -6.44 6.16 1.85
N LEU B 216 -6.82 7.12 1.04
CA LEU B 216 -5.86 8.13 0.63
C LEU B 216 -5.58 9.19 1.71
N GLY B 217 -6.16 9.07 2.90
CA GLY B 217 -5.93 10.07 3.96
C GLY B 217 -6.81 11.35 3.92
N CYS B 218 -7.75 11.44 2.97
CA CYS B 218 -8.75 12.48 2.96
C CYS B 218 -9.82 12.37 4.01
N GLU B 219 -10.34 13.51 4.43
CA GLU B 219 -11.51 13.64 5.28
C GLU B 219 -12.76 13.53 4.46
N VAL B 220 -13.60 12.51 4.70
CA VAL B 220 -14.71 12.27 3.80
C VAL B 220 -15.95 12.82 4.44
N ILE B 221 -16.75 13.54 3.64
CA ILE B 221 -18.10 13.96 4.03
C ILE B 221 -19.17 13.37 3.05
N ASN B 222 -19.81 12.30 3.48
CA ASN B 222 -20.71 11.55 2.65
C ASN B 222 -22.12 12.04 2.82
N LEU B 223 -22.67 12.70 1.79
CA LEU B 223 -24.01 13.26 1.87
C LEU B 223 -25.14 12.32 1.47
N GLY B 224 -24.85 11.03 1.41
CA GLY B 224 -25.82 10.04 0.99
C GLY B 224 -26.31 10.19 -0.44
N ILE B 225 -27.52 9.70 -0.70
CA ILE B 225 -28.14 9.81 -2.01
C ILE B 225 -29.14 10.95 -1.97
N ILE B 226 -28.81 12.07 -2.58
CA ILE B 226 -29.74 13.19 -2.67
C ILE B 226 -30.94 12.78 -3.54
N ARG B 227 -32.15 13.17 -3.14
CA ARG B 227 -33.33 12.79 -3.91
C ARG B 227 -33.53 13.61 -5.21
N ALA B 228 -34.19 12.98 -6.18
CA ALA B 228 -34.38 13.52 -7.52
C ALA B 228 -35.36 14.70 -7.57
N ASP B 229 -34.78 15.80 -7.12
CA ASP B 229 -35.49 17.04 -6.99
C ASP B 229 -34.43 18.14 -7.19
N PRO B 230 -34.71 19.11 -8.06
CA PRO B 230 -33.77 20.17 -8.32
C PRO B 230 -33.47 20.96 -7.07
N HIS B 231 -34.35 20.93 -6.09
CA HIS B 231 -34.03 21.71 -4.92
C HIS B 231 -33.09 21.01 -3.96
N ALA B 232 -33.30 19.71 -3.74
CA ALA B 232 -32.45 18.91 -2.87
C ALA B 232 -31.01 18.99 -3.33
N LEU B 233 -30.83 18.78 -4.62
CA LEU B 233 -29.52 18.80 -5.22
C LEU B 233 -28.83 20.16 -5.07
N ARG B 234 -29.59 21.26 -5.08
CA ARG B 234 -28.96 22.57 -5.02
C ARG B 234 -28.41 22.78 -3.63
N ALA B 235 -29.09 22.32 -2.61
CA ALA B 235 -28.60 22.52 -1.27
C ALA B 235 -27.43 21.61 -0.97
N ALA B 236 -27.46 20.42 -1.57
CA ALA B 236 -26.41 19.44 -1.43
C ALA B 236 -25.11 20.09 -1.85
N PHE B 237 -25.13 20.68 -3.05
CA PHE B 237 -23.97 21.39 -3.61
C PHE B 237 -23.54 22.56 -2.73
N ILE B 238 -24.43 23.50 -2.43
CA ILE B 238 -24.09 24.65 -1.57
C ILE B 238 -23.40 24.22 -0.27
N GLU B 239 -23.85 23.07 0.24
CA GLU B 239 -23.36 22.52 1.50
C GLU B 239 -21.99 21.93 1.29
N ALA B 240 -21.86 21.07 0.28
CA ALA B 240 -20.63 20.34 0.02
C ALA B 240 -19.55 21.36 -0.31
N ASP B 241 -19.93 22.33 -1.11
CA ASP B 241 -19.00 23.35 -1.45
C ASP B 241 -18.55 24.21 -0.26
N SER B 242 -19.40 24.34 0.75
CA SER B 242 -19.13 25.25 1.86
C SER B 242 -18.34 24.57 2.94
N GLN B 243 -18.21 23.26 2.83
CA GLN B 243 -17.48 22.45 3.79
C GLN B 243 -16.35 21.63 3.20
N ALA B 244 -16.09 21.73 1.90
CA ALA B 244 -15.04 20.90 1.33
C ALA B 244 -14.14 21.63 0.36
N ASP B 245 -13.00 21.01 0.10
CA ASP B 245 -12.09 21.44 -0.95
C ASP B 245 -12.46 20.80 -2.26
N VAL B 246 -13.04 19.61 -2.19
CA VAL B 246 -13.46 18.89 -3.39
C VAL B 246 -14.81 18.25 -3.12
N VAL B 247 -15.66 18.34 -4.13
CA VAL B 247 -16.98 17.75 -4.11
C VAL B 247 -17.03 16.71 -5.21
N ILE B 248 -17.54 15.52 -4.96
CA ILE B 248 -17.42 14.47 -5.98
C ILE B 248 -18.73 13.73 -6.17
N SER B 249 -19.37 13.94 -7.31
CA SER B 249 -20.55 13.16 -7.63
C SER B 249 -20.05 11.78 -8.02
N SER B 250 -20.50 10.76 -7.29
CA SER B 250 -20.08 9.38 -7.49
C SER B 250 -20.85 8.82 -8.64
N GLY B 251 -21.97 9.46 -8.94
CA GLY B 251 -22.80 9.08 -10.07
C GLY B 251 -24.11 9.82 -9.95
N GLY B 252 -24.79 10.08 -11.05
CA GLY B 252 -26.08 10.71 -10.94
C GLY B 252 -26.06 12.08 -11.50
N VAL B 253 -25.17 12.93 -11.04
CA VAL B 253 -25.06 14.27 -11.60
C VAL B 253 -24.56 14.08 -13.00
N SER B 254 -25.00 14.91 -13.93
CA SER B 254 -24.70 14.72 -15.37
C SER B 254 -23.20 14.93 -15.74
N VAL B 255 -22.80 14.21 -16.78
CA VAL B 255 -21.46 14.27 -17.37
C VAL B 255 -21.52 14.76 -18.82
N GLY B 256 -22.67 15.28 -19.23
CA GLY B 256 -22.86 15.76 -20.58
C GLY B 256 -24.32 15.95 -20.94
N GLU B 257 -25.08 14.89 -20.76
CA GLU B 257 -26.51 14.84 -21.01
C GLU B 257 -27.21 16.04 -20.38
N ALA B 258 -28.24 16.50 -21.05
CA ALA B 258 -29.08 17.58 -20.55
C ALA B 258 -30.13 16.98 -19.64
N ASP B 259 -30.39 17.71 -18.57
CA ASP B 259 -31.41 17.41 -17.57
C ASP B 259 -31.15 18.34 -16.41
N TYR B 260 -32.04 18.37 -15.43
CA TYR B 260 -31.94 19.40 -14.40
C TYR B 260 -30.61 19.38 -13.63
N THR B 261 -29.88 18.25 -13.65
CA THR B 261 -28.53 18.20 -13.03
C THR B 261 -27.52 19.07 -13.79
N LYS B 262 -27.48 18.94 -15.10
CA LYS B 262 -26.53 19.74 -15.86
C LYS B 262 -26.86 21.21 -15.59
N THR B 263 -28.15 21.52 -15.52
CA THR B 263 -28.62 22.90 -15.35
C THR B 263 -28.22 23.47 -14.00
N ILE B 264 -28.34 22.68 -12.94
CA ILE B 264 -27.90 23.12 -11.63
C ILE B 264 -26.38 23.40 -11.61
N LEU B 265 -25.62 22.53 -12.26
CA LEU B 265 -24.17 22.61 -12.29
C LEU B 265 -23.72 23.88 -12.98
N GLU B 266 -24.30 24.09 -14.17
CA GLU B 266 -23.97 25.21 -15.03
C GLU B 266 -24.36 26.49 -14.32
N GLU B 267 -25.51 26.51 -13.63
CA GLU B 267 -25.91 27.68 -12.85
C GLU B 267 -25.05 27.89 -11.61
N LEU B 268 -24.41 26.85 -11.09
CA LEU B 268 -23.69 26.97 -9.80
C LEU B 268 -22.14 27.06 -9.80
N GLY B 269 -21.52 26.83 -10.95
CA GLY B 269 -20.10 26.97 -11.09
C GLY B 269 -19.69 26.93 -12.54
N GLU B 270 -18.39 26.85 -12.74
CA GLU B 270 -17.84 26.79 -14.06
C GLU B 270 -17.36 25.38 -14.34
N ILE B 271 -18.23 24.58 -14.95
CA ILE B 271 -17.94 23.18 -15.20
C ILE B 271 -17.78 22.80 -16.66
N ALA B 272 -16.61 22.32 -17.02
CA ALA B 272 -16.38 21.64 -18.29
C ALA B 272 -17.05 20.26 -18.37
N PHE B 273 -17.34 19.82 -19.59
CA PHE B 273 -17.84 18.46 -19.80
C PHE B 273 -16.98 17.71 -20.79
N TRP B 274 -15.87 17.21 -20.31
CA TRP B 274 -14.91 16.57 -21.18
C TRP B 274 -15.38 15.21 -21.67
N LYS B 275 -14.81 14.81 -22.78
CA LYS B 275 -14.93 13.47 -23.34
C LYS B 275 -13.49 13.02 -23.57
N LEU B 276 -13.04 12.08 -22.75
CA LEU B 276 -11.66 11.68 -22.81
C LEU B 276 -11.48 10.48 -23.74
N ALA B 277 -10.29 10.37 -24.28
CA ALA B 277 -9.95 9.29 -25.20
C ALA B 277 -9.36 8.20 -24.34
N ILE B 278 -10.25 7.45 -23.71
CA ILE B 278 -9.86 6.43 -22.76
C ILE B 278 -10.83 5.27 -22.80
N LYS B 279 -10.36 4.17 -22.31
CA LYS B 279 -11.20 3.05 -22.03
C LYS B 279 -10.75 2.44 -20.70
N PRO B 280 -11.65 2.00 -19.86
CA PRO B 280 -13.08 2.32 -19.98
C PRO B 280 -13.30 3.75 -19.55
N GLY B 281 -14.50 4.22 -19.83
CA GLY B 281 -14.86 5.61 -19.58
C GLY B 281 -14.98 6.40 -20.86
N LYS B 282 -15.18 7.68 -20.63
CA LYS B 282 -15.05 8.69 -21.66
C LYS B 282 -15.48 9.98 -21.01
N PRO B 283 -16.66 9.99 -20.39
CA PRO B 283 -17.20 11.23 -19.85
C PRO B 283 -16.69 11.55 -18.46
N PHE B 284 -16.53 12.84 -18.20
CA PHE B 284 -16.07 13.31 -16.90
C PHE B 284 -16.31 14.77 -16.79
N ALA B 285 -16.93 15.20 -15.71
CA ALA B 285 -17.27 16.59 -15.51
C ALA B 285 -16.34 17.19 -14.50
N PHE B 286 -15.82 18.36 -14.80
CA PHE B 286 -14.86 19.00 -13.91
C PHE B 286 -14.91 20.48 -14.05
N GLY B 287 -14.67 21.17 -12.94
CA GLY B 287 -14.53 22.61 -12.95
C GLY B 287 -14.60 23.17 -11.55
N LYS B 288 -14.42 24.48 -11.42
CA LYS B 288 -14.46 25.11 -10.12
C LYS B 288 -15.91 25.21 -9.74
N LEU B 289 -16.21 25.22 -8.46
CA LEU B 289 -17.49 25.70 -7.92
C LEU B 289 -17.19 27.00 -7.19
N SER B 290 -18.20 27.52 -6.53
CA SER B 290 -18.06 28.70 -5.67
C SER B 290 -16.70 28.77 -4.84
N ASN B 291 -16.36 27.68 -4.14
CA ASN B 291 -15.16 27.60 -3.29
C ASN B 291 -14.51 26.21 -3.23
N SER B 292 -14.62 25.43 -4.31
CA SER B 292 -14.10 24.05 -4.27
C SER B 292 -14.00 23.53 -5.66
N TRP B 293 -13.50 22.32 -5.83
CA TRP B 293 -13.47 21.69 -7.13
C TRP B 293 -14.58 20.69 -7.19
N PHE B 294 -15.12 20.52 -8.36
CA PHE B 294 -16.14 19.51 -8.56
C PHE B 294 -15.63 18.47 -9.56
N CYS B 295 -15.76 17.19 -9.19
CA CYS B 295 -15.52 16.11 -10.15
C CYS B 295 -16.79 15.32 -10.40
N GLY B 296 -17.05 15.01 -11.68
CA GLY B 296 -18.23 14.29 -12.06
C GLY B 296 -17.94 12.92 -12.63
N LEU B 297 -18.12 11.93 -11.82
CA LEU B 297 -17.84 10.61 -12.30
C LEU B 297 -18.93 10.17 -13.27
N PRO B 298 -18.57 9.33 -14.20
CA PRO B 298 -19.56 8.69 -15.05
C PRO B 298 -20.31 7.73 -14.20
N GLY B 299 -21.52 7.38 -14.60
CA GLY B 299 -22.31 6.46 -13.80
C GLY B 299 -21.75 5.05 -13.65
N ASN B 300 -21.34 4.40 -14.73
CA ASN B 300 -20.85 3.03 -14.72
C ASN B 300 -19.74 2.82 -13.69
N PRO B 301 -19.79 1.70 -12.95
CA PRO B 301 -18.84 1.45 -11.85
C PRO B 301 -17.36 1.40 -12.22
N VAL B 302 -17.02 0.71 -13.31
CA VAL B 302 -15.62 0.52 -13.72
C VAL B 302 -15.10 1.87 -14.23
N SER B 303 -15.91 2.53 -15.04
CA SER B 303 -15.58 3.87 -15.50
C SER B 303 -15.37 4.85 -14.34
N ALA B 304 -16.24 4.79 -13.35
CA ALA B 304 -16.18 5.75 -12.26
C ALA B 304 -15.01 5.40 -11.39
N THR B 305 -14.61 4.14 -11.36
CA THR B 305 -13.45 3.80 -10.54
C THR B 305 -12.21 4.22 -11.26
N LEU B 306 -12.02 3.69 -12.46
CA LEU B 306 -10.86 4.06 -13.27
C LEU B 306 -10.69 5.58 -13.37
N THR B 307 -11.77 6.33 -13.42
CA THR B 307 -11.64 7.74 -13.72
C THR B 307 -11.16 8.41 -12.43
N PHE B 308 -11.77 7.98 -11.34
CA PHE B 308 -11.39 8.53 -10.06
C PHE B 308 -9.90 8.33 -9.83
N TYR B 309 -9.45 7.10 -10.09
CA TYR B 309 -8.12 6.65 -9.75
C TYR B 309 -7.07 7.42 -10.57
N GLN B 310 -7.39 7.70 -11.84
CA GLN B 310 -6.46 8.29 -12.79
C GLN B 310 -6.59 9.79 -12.94
N LEU B 311 -7.71 10.37 -12.54
CA LEU B 311 -7.88 11.83 -12.66
C LEU B 311 -7.97 12.50 -11.31
N VAL B 312 -8.81 11.93 -10.44
CA VAL B 312 -9.05 12.50 -9.14
C VAL B 312 -7.89 12.22 -8.18
N GLN B 313 -7.37 10.98 -8.17
CA GLN B 313 -6.33 10.61 -7.20
C GLN B 313 -5.17 11.55 -7.36
N PRO B 314 -4.66 11.74 -8.58
CA PRO B 314 -3.55 12.67 -8.79
C PRO B 314 -3.91 14.13 -8.46
N LEU B 315 -5.16 14.49 -8.56
CA LEU B 315 -5.58 15.82 -8.19
C LEU B 315 -5.48 16.02 -6.71
N LEU B 316 -5.94 15.03 -5.94
CA LEU B 316 -6.01 15.12 -4.48
C LEU B 316 -4.64 15.15 -3.91
N ALA B 317 -3.72 14.40 -4.53
CA ALA B 317 -2.29 14.50 -4.23
C ALA B 317 -1.70 15.93 -4.34
N LYS B 318 -1.95 16.63 -5.46
CA LYS B 318 -1.33 17.96 -5.65
C LYS B 318 -1.89 18.91 -4.60
N LEU B 319 -3.16 18.68 -4.31
CA LEU B 319 -3.93 19.50 -3.42
C LEU B 319 -3.42 19.39 -2.00
N SER B 320 -2.88 18.23 -1.65
CA SER B 320 -2.51 17.97 -0.26
C SER B 320 -1.32 18.77 0.22
N GLY B 321 -0.47 19.25 -0.69
CA GLY B 321 0.84 19.79 -0.34
C GLY B 321 2.00 18.91 -0.78
N ASN B 322 1.74 17.63 -1.04
CA ASN B 322 2.77 16.66 -1.47
C ASN B 322 3.54 17.11 -2.71
N THR B 323 4.86 16.97 -2.65
CA THR B 323 5.78 17.35 -3.73
C THR B 323 6.16 16.23 -4.68
N ALA B 324 5.86 14.99 -4.38
CA ALA B 324 6.16 13.89 -5.32
C ALA B 324 5.27 13.97 -6.61
N SER B 325 4.92 12.81 -7.21
CA SER B 325 4.01 12.74 -8.37
C SER B 325 2.84 11.76 -8.17
N GLY B 326 2.56 11.46 -6.89
CA GLY B 326 1.53 10.52 -6.42
C GLY B 326 0.67 9.64 -7.33
N LEU B 327 1.33 8.87 -8.21
CA LEU B 327 0.67 7.87 -9.06
C LEU B 327 1.73 6.91 -9.64
N PRO B 328 1.72 5.62 -9.21
CA PRO B 328 2.82 4.70 -9.52
C PRO B 328 3.53 4.98 -10.85
N ALA B 329 4.75 4.50 -10.96
CA ALA B 329 5.40 4.47 -12.25
C ALA B 329 4.87 3.24 -12.93
N ARG B 330 4.99 3.23 -14.24
CA ARG B 330 4.75 2.05 -15.03
C ARG B 330 6.13 1.44 -15.30
N GLN B 331 6.17 0.33 -16.05
CA GLN B 331 7.39 -0.40 -16.40
C GLN B 331 7.01 -1.26 -17.58
N ARG B 332 7.94 -1.53 -18.47
CA ARG B 332 7.60 -2.22 -19.69
C ARG B 332 7.67 -3.71 -19.46
N VAL B 333 6.81 -4.48 -20.10
CA VAL B 333 6.79 -5.93 -19.93
C VAL B 333 6.17 -6.70 -21.14
N ARG B 334 6.46 -7.98 -21.25
CA ARG B 334 5.85 -8.77 -22.31
C ARG B 334 4.46 -9.27 -21.91
N THR B 335 3.46 -9.03 -22.77
CA THR B 335 2.18 -9.71 -22.66
C THR B 335 2.34 -11.18 -23.03
N ALA B 336 1.78 -12.07 -22.24
CA ALA B 336 1.82 -13.50 -22.53
C ALA B 336 0.46 -13.94 -23.02
N SER B 337 -0.40 -12.97 -23.27
CA SER B 337 -1.79 -13.17 -23.68
C SER B 337 -2.11 -12.19 -24.83
N ARG B 338 -2.93 -12.63 -25.79
CA ARG B 338 -3.31 -11.73 -26.87
C ARG B 338 -4.32 -10.74 -26.32
N LEU B 339 -4.12 -9.46 -26.62
CA LEU B 339 -4.95 -8.38 -26.13
C LEU B 339 -5.69 -7.72 -27.27
N LYS B 340 -7.00 -7.48 -27.07
CA LYS B 340 -7.81 -6.75 -28.04
C LYS B 340 -7.85 -5.25 -27.71
N LYS B 341 -7.21 -4.44 -28.52
CA LYS B 341 -7.25 -2.99 -28.36
C LYS B 341 -7.68 -2.32 -29.67
N THR B 342 -8.51 -1.28 -29.54
CA THR B 342 -9.00 -0.47 -30.65
C THR B 342 -8.31 0.87 -30.67
N PRO B 343 -7.74 1.25 -31.81
CA PRO B 343 -7.10 2.58 -31.93
C PRO B 343 -8.07 3.71 -31.56
N GLY B 344 -7.56 4.87 -31.13
CA GLY B 344 -8.42 6.01 -30.88
C GLY B 344 -8.67 6.29 -29.41
N ARG B 345 -8.50 5.29 -28.55
CA ARG B 345 -8.58 5.53 -27.10
C ARG B 345 -7.50 4.80 -26.36
N LEU B 346 -7.09 5.34 -25.23
CA LEU B 346 -6.03 4.75 -24.42
C LEU B 346 -6.65 3.75 -23.48
N ASP B 347 -6.56 2.47 -23.77
CA ASP B 347 -7.28 1.44 -23.00
C ASP B 347 -6.46 1.07 -21.73
N PHE B 348 -7.09 1.21 -20.57
CA PHE B 348 -6.48 0.88 -19.29
C PHE B 348 -7.02 -0.46 -18.99
N GLN B 349 -6.64 -1.45 -19.81
CA GLN B 349 -7.00 -2.84 -19.60
C GLN B 349 -6.52 -3.32 -18.21
N ARG B 350 -7.02 -4.45 -17.75
CA ARG B 350 -6.69 -4.94 -16.40
C ARG B 350 -5.98 -6.26 -16.53
N GLY B 351 -5.00 -6.49 -15.65
CA GLY B 351 -3.95 -7.43 -15.94
C GLY B 351 -3.26 -8.02 -14.74
N VAL B 352 -2.62 -9.16 -14.97
CA VAL B 352 -2.05 -10.01 -13.92
C VAL B 352 -0.53 -10.21 -14.08
N LEU B 353 0.23 -9.45 -13.32
CA LEU B 353 1.67 -9.57 -13.29
C LEU B 353 2.11 -10.82 -12.57
N GLN B 354 3.09 -11.48 -13.13
CA GLN B 354 3.69 -12.58 -12.43
C GLN B 354 5.05 -12.96 -13.00
N ARG B 355 5.77 -13.73 -12.21
CA ARG B 355 7.02 -14.34 -12.63
C ARG B 355 6.72 -15.52 -13.51
N ASN B 356 7.44 -15.61 -14.63
CA ASN B 356 7.41 -16.77 -15.51
C ASN B 356 8.32 -17.87 -14.94
N ALA B 357 8.57 -18.94 -15.68
CA ALA B 357 9.54 -19.95 -15.25
C ALA B 357 11.01 -19.42 -15.12
N ASP B 358 11.34 -18.36 -15.87
CA ASP B 358 12.69 -17.75 -15.89
C ASP B 358 12.89 -16.67 -14.83
N GLY B 359 11.86 -16.37 -14.03
CA GLY B 359 11.95 -15.34 -13.00
C GLY B 359 11.68 -13.89 -13.44
N GLU B 360 11.21 -13.70 -14.67
CA GLU B 360 10.94 -12.35 -15.19
C GLU B 360 9.46 -12.10 -15.39
N LEU B 361 9.12 -10.81 -15.37
CA LEU B 361 7.73 -10.36 -15.34
C LEU B 361 7.00 -10.45 -16.69
N GLU B 362 5.69 -10.66 -16.61
CA GLU B 362 4.83 -10.80 -17.78
C GLU B 362 3.34 -10.64 -17.39
N VAL B 363 2.63 -9.78 -18.12
CA VAL B 363 1.18 -9.66 -17.94
C VAL B 363 0.40 -10.71 -18.65
N THR B 364 -0.68 -11.10 -18.02
CA THR B 364 -1.70 -11.88 -18.64
C THR B 364 -2.93 -10.96 -18.50
N THR B 365 -3.93 -11.15 -19.34
CA THR B 365 -5.17 -10.40 -19.15
C THR B 365 -6.00 -11.01 -17.97
N THR B 366 -6.90 -10.23 -17.37
CA THR B 366 -7.77 -10.75 -16.33
C THR B 366 -8.93 -11.55 -16.89
N GLY B 367 -9.30 -11.22 -18.13
CA GLY B 367 -10.43 -11.80 -18.80
C GLY B 367 -11.12 -10.73 -19.61
N HIS B 368 -12.41 -10.92 -19.83
CA HIS B 368 -13.21 -9.86 -20.43
C HIS B 368 -12.92 -8.52 -19.77
N GLN B 369 -12.63 -7.54 -20.63
CA GLN B 369 -12.41 -6.17 -20.17
C GLN B 369 -13.63 -5.32 -20.39
N GLY B 370 -14.81 -5.92 -20.31
CA GLY B 370 -16.08 -5.21 -20.50
C GLY B 370 -16.38 -4.44 -19.24
N SER B 371 -16.97 -3.25 -19.37
CA SER B 371 -17.28 -2.41 -18.18
C SER B 371 -18.62 -2.80 -17.55
N HIS B 372 -19.20 -3.86 -18.11
CA HIS B 372 -20.34 -4.53 -17.49
C HIS B 372 -19.96 -5.41 -16.31
N ILE B 373 -18.75 -5.34 -15.76
CA ILE B 373 -18.39 -6.09 -14.53
C ILE B 373 -17.20 -5.51 -13.75
N PHE B 374 -17.25 -5.70 -12.43
CA PHE B 374 -16.21 -5.15 -11.54
C PHE B 374 -15.04 -6.09 -11.19
N SER B 375 -15.23 -7.39 -11.40
CA SER B 375 -14.26 -8.42 -11.05
C SER B 375 -12.79 -8.11 -11.37
N SER B 376 -12.52 -7.51 -12.53
CA SER B 376 -11.14 -7.32 -12.98
C SER B 376 -10.23 -6.56 -11.98
N PHE B 377 -10.82 -5.65 -11.20
CA PHE B 377 -10.10 -4.96 -10.14
C PHE B 377 -9.69 -5.88 -8.99
N SER B 378 -10.39 -7.00 -8.82
CA SER B 378 -9.98 -8.01 -7.87
C SER B 378 -8.97 -8.95 -8.50
N LEU B 379 -9.27 -9.48 -9.68
CA LEU B 379 -8.44 -10.56 -10.24
C LEU B 379 -7.10 -10.07 -10.69
N GLY B 380 -7.09 -8.77 -10.96
CA GLY B 380 -5.91 -8.09 -11.46
C GLY B 380 -5.10 -7.52 -10.33
N ASN B 381 -3.91 -7.12 -10.69
CA ASN B 381 -2.98 -6.45 -9.79
C ASN B 381 -2.27 -5.31 -10.50
N CYS B 382 -2.92 -4.84 -11.57
CA CYS B 382 -2.40 -3.79 -12.42
C CYS B 382 -3.29 -3.52 -13.63
N PHE B 383 -2.94 -2.40 -14.27
CA PHE B 383 -3.45 -2.00 -15.54
C PHE B 383 -2.40 -2.37 -16.60
N ILE B 384 -2.87 -2.77 -17.77
CA ILE B 384 -2.05 -2.72 -18.98
C ILE B 384 -2.39 -1.43 -19.74
N VAL B 385 -1.51 -0.44 -19.70
CA VAL B 385 -1.82 0.80 -20.39
C VAL B 385 -1.48 0.61 -21.88
N LEU B 386 -2.50 0.53 -22.73
CA LEU B 386 -2.27 0.32 -24.13
C LEU B 386 -2.35 1.68 -24.81
N GLU B 387 -1.20 2.14 -25.24
CA GLU B 387 -1.01 3.40 -25.96
C GLU B 387 -2.19 3.71 -26.93
N ARG B 388 -2.63 4.95 -26.91
CA ARG B 388 -3.81 5.33 -27.67
C ARG B 388 -3.91 4.69 -29.02
N ASP B 389 -2.90 4.91 -29.85
CA ASP B 389 -2.99 4.54 -31.28
C ASP B 389 -2.83 3.05 -31.56
N ARG B 390 -2.25 2.32 -30.61
CA ARG B 390 -2.05 0.90 -30.73
C ARG B 390 -3.34 0.20 -31.09
N GLY B 391 -3.22 -0.84 -31.90
CA GLY B 391 -4.29 -1.76 -32.16
C GLY B 391 -3.94 -3.02 -31.41
N ASN B 392 -4.49 -4.16 -31.85
CA ASN B 392 -4.35 -5.42 -31.13
C ASN B 392 -2.90 -5.76 -30.92
N VAL B 393 -2.62 -6.38 -29.77
CA VAL B 393 -1.28 -6.70 -29.30
C VAL B 393 -1.17 -8.21 -29.18
N GLU B 394 -0.12 -8.78 -29.79
CA GLU B 394 0.04 -10.24 -29.84
C GLU B 394 0.89 -10.75 -28.69
N VAL B 395 0.89 -12.07 -28.51
CA VAL B 395 1.69 -12.62 -27.44
C VAL B 395 3.10 -12.20 -27.75
N GLY B 396 3.90 -12.00 -26.72
CA GLY B 396 5.32 -11.65 -26.86
C GLY B 396 5.68 -10.21 -27.19
N GLU B 397 4.72 -9.44 -27.63
CA GLU B 397 4.90 -8.00 -27.74
C GLU B 397 5.20 -7.35 -26.37
N TRP B 398 5.82 -6.17 -26.43
CA TRP B 398 6.17 -5.40 -25.26
C TRP B 398 5.01 -4.51 -24.93
N VAL B 399 4.89 -4.10 -23.68
CA VAL B 399 3.75 -3.28 -23.27
C VAL B 399 3.97 -2.53 -21.97
N GLU B 400 3.38 -1.36 -21.82
CA GLU B 400 3.44 -0.66 -20.51
C GLU B 400 2.47 -1.27 -19.51
N VAL B 401 2.89 -1.29 -18.27
CA VAL B 401 2.13 -1.93 -17.23
C VAL B 401 2.27 -1.10 -15.98
N GLU B 402 1.14 -0.74 -15.36
CA GLU B 402 1.15 0.05 -14.15
C GLU B 402 0.56 -0.77 -13.05
N PRO B 403 1.38 -1.17 -12.08
CA PRO B 403 0.90 -1.96 -10.94
C PRO B 403 -0.16 -1.19 -10.19
N PHE B 404 -1.21 -1.89 -9.77
CA PHE B 404 -2.19 -1.36 -8.86
C PHE B 404 -1.50 -0.81 -7.62
N ASN B 405 -2.28 -0.37 -6.65
CA ASN B 405 -1.73 -0.02 -5.36
C ASN B 405 -2.65 -0.47 -4.22
N ALA B 406 -2.22 -0.17 -2.99
CA ALA B 406 -2.96 -0.41 -1.74
C ALA B 406 -4.48 -0.44 -1.84
N LEU B 407 -5.06 0.41 -2.72
CA LEU B 407 -6.51 0.59 -2.81
C LEU B 407 -7.19 -0.66 -3.29
N PHE B 408 -6.51 -1.45 -4.10
CA PHE B 408 -7.11 -2.69 -4.58
C PHE B 408 -6.37 -3.85 -3.98
N GLY B 409 -5.73 -3.58 -2.84
CA GLY B 409 -5.01 -4.59 -2.07
C GLY B 409 -3.63 -4.90 -2.64
C1 GOL C . 1.89 -0.79 -4.80
O1 GOL C . 2.71 0.10 -5.59
C2 GOL C . 2.63 -1.56 -3.67
O2 GOL C . 3.59 -0.72 -3.10
C3 GOL C . 3.43 -2.78 -4.18
O3 GOL C . 3.89 -3.53 -3.07
C1 GOL D . 19.04 -1.99 37.27
O1 GOL D . 18.14 -3.10 37.34
C2 GOL D . 18.26 -0.73 36.86
O2 GOL D . 18.97 0.07 35.94
C3 GOL D . 17.82 0.09 38.07
O3 GOL D . 16.87 1.03 37.62
C1 GOL E . 26.52 -7.26 11.88
O1 GOL E . 26.35 -7.94 13.13
C2 GOL E . 25.33 -6.37 11.42
O2 GOL E . 24.09 -7.04 11.13
C3 GOL E . 25.71 -5.61 10.14
O3 GOL E . 24.89 -4.46 9.92
C1 GOL F . -6.41 -13.42 22.84
O1 GOL F . -7.33 -14.02 23.75
C2 GOL F . -5.08 -13.10 23.52
O2 GOL F . -4.32 -14.28 23.51
C3 GOL F . -5.26 -12.61 24.97
O3 GOL F . -4.40 -11.53 25.31
C1 GOL G . 10.32 8.80 -1.07
O1 GOL G . 11.24 9.71 -0.48
C2 GOL G . 10.96 7.66 -1.89
O2 GOL G . 10.99 6.43 -1.16
C3 GOL G . 12.36 8.01 -2.41
O3 GOL G . 12.91 6.85 -2.99
C1 GOL H . -14.37 25.28 2.97
O1 GOL H . -14.75 23.93 2.85
C2 GOL H . -13.60 25.75 1.72
O2 GOL H . -14.27 25.38 0.54
C3 GOL H . -12.17 25.21 1.71
O3 GOL H . -11.76 24.99 0.38
C1 GOL I . -32.87 5.60 -2.56
O1 GOL I . -33.36 5.03 -1.37
C2 GOL I . -34.05 5.99 -3.37
O2 GOL I . -35.05 5.07 -3.04
C3 GOL I . -33.91 5.99 -4.88
O3 GOL I . -35.23 5.81 -5.32
C1 GOL J . -4.86 -8.04 -6.71
O1 GOL J . -5.97 -7.17 -6.89
C2 GOL J . -5.36 -9.45 -6.92
O2 GOL J . -5.91 -9.94 -5.69
C3 GOL J . -4.26 -10.37 -7.46
O3 GOL J . -4.46 -10.65 -8.83
#